data_9M5X
#
_entry.id   9M5X
#
_cell.length_a   1.00
_cell.length_b   1.00
_cell.length_c   1.00
_cell.angle_alpha   90.00
_cell.angle_beta   90.00
_cell.angle_gamma   90.00
#
_symmetry.space_group_name_H-M   'P 1'
#
loop_
_entity.id
_entity.type
_entity.pdbx_description
1 polymer 'DNA (cytosine-5)-methyltransferase 1'
2 non-polymer 'ZINC ION'
#
_entity_poly.entity_id   1
_entity_poly.type   'polypeptide(L)'
_entity_poly.pdbx_seq_one_letter_code
;GPPTTMVENGAKAAKRKKRPLPEIQEVEDVPRTRRPRRAAACTSFKEKSIRVCEKSATIEVKKQQIVEEEFLALRLTALE
TDVEDRPTRRLNDFVLFDSDGVPQPLEMLEIHDIFVSGAILPSDVCTDKEKEKGVRCTSFGRVEHWSISGYEDGSPVIWI
STELADYDCRKPAASYRKVYDYFYEKARASVAVYKKLSKSSGGDPDIGLEELLAAVVRSMSSGSKYFSSGAAIIDFVISQ
GDFIYNQLAGLDETAKKHESSYVEIPVLVALREKSSKIDKPLQRERNPSNGVRIKEVSQVAESEALTSDQLVDGTDDDRR
YAILLQDEENRKSMQQPRKNSSSGSASNMFYIKINEDEIANDYPLPSYYKTSEEETDELILYDASYEVQSEHLPHRMLHN
WALYNSDLRFISLELLPMKQCDDIDVNIFGSGVVTDDNGSWISLNDPDSGSQSHDPDGMCIFLSQIKEWMIEFGSDDIIS
ISIRTDVAWYRLGKPSKLYAPWWKPVLKTARVGISILTFLRVESRVARLSFADVTKRLSGLQANDKAYISSDPLAVERYL
VVHGQIILQLFAVYPDDNVKRCPFVVGLASKLEDRHHTKWIIKKKKISLKELNLNPRAGMAPVASKRKAMQATTTRLVNR
IWGEFYSNYSPEDPLQATAAENGEDEVEEEGGNGEEEVEEEGENGLTEDTVPEPVEVQKPHTPKKIRGSSGKREIKWDGE
SLGKTSAGEPLYQQALVGGEMVAVGGAVTLEVDDPDEMPAIYFVEYMFESTDHCKMLHGRFLQRGSMTVLGNAANERELF
LTNECMTTQLKDIKGVASFEIRSRPWGHQYRKKNITADKLDWARALERKVKDLPTEYYCKSLYSPERGGFFSLPLSDIGR
SSGFCTSCKIREDEEKRSTIKLNVSKTGFFINGIEYSVEDFVYVNPDSIGGLKEGSKTSFKSGRNIGLRAYVVCQLLEIV
PKESRKADLGSFDVKVRRFYRPEDVSAEKAYASDIQELYFSQDTVVLPPGALEGKCEVRKKSDMPLSREYPISDHIFFCD
LFFDTSKGSLKQLPANMKPKFSTIKDDTLLRKKKGKGVESEIESEIVKPVEPPKEIRLATLDIFAGCGGLSHGLKKAGVS
DAKWAIEYEEPAGQAFKQNHPESTVFVDNCNVILRAIMEKGGDQDDCVSTTEANELAAKLTEEQKSTLPLPGQVDFINGG
PPCQGFSGMNRFNQSSWSKVQCEMILAFLSFADYFRPRYFLLENVRTFVSFNKGQTFQLTLASLLEMGYQVRFGILEAGA
YGVSQSRKRAFIWAAAPEEVLPEWPEPMHVFGVPKLKISLSQGLHYAAVRSTALGAPFRPITVRDTIGDLPSVENGDSRT
NKEYKEVAVSWFQKEIRGNTIALTDHICKAMNELNLIRCKLIPTRPGADWHDLPKRKVTLSDGRVEEMIPFCLPNTAERH
NGWKGLYGRLDWQGNFPTSVTDPQPMGKVGMCFHPEQHRILTVRECARSQGFPDSYEFAGNINHKHRQIGNAVPPPLAFA
LGRKLKEALHLKKSPQHQP
;
_entity_poly.pdbx_strand_id   A
#
# COMPACT_ATOMS: atom_id res chain seq x y z
N TYR A 351 27.22 -26.18 -35.96
CA TYR A 351 27.33 -25.44 -34.70
C TYR A 351 26.21 -25.83 -33.73
N ILE A 352 26.52 -25.88 -32.45
CA ILE A 352 25.57 -26.24 -31.41
C ILE A 352 25.50 -25.10 -30.41
N LYS A 353 24.27 -24.68 -30.08
CA LYS A 353 24.04 -23.62 -29.12
C LYS A 353 23.01 -24.07 -28.09
N ILE A 354 23.17 -23.56 -26.87
CA ILE A 354 22.27 -23.86 -25.76
C ILE A 354 21.52 -22.58 -25.42
N ASN A 355 20.20 -22.64 -25.44
CA ASN A 355 19.37 -21.47 -25.19
C ASN A 355 19.06 -21.36 -23.69
N GLU A 356 18.13 -20.45 -23.35
CA GLU A 356 17.92 -20.07 -21.96
C GLU A 356 17.38 -21.21 -21.10
N ASP A 357 16.83 -22.25 -21.72
CA ASP A 357 16.17 -23.32 -20.95
C ASP A 357 17.14 -23.97 -19.97
N GLU A 358 18.37 -24.23 -20.39
CA GLU A 358 19.34 -24.90 -19.54
C GLU A 358 20.18 -23.93 -18.72
N ILE A 359 20.51 -22.75 -19.26
CA ILE A 359 21.34 -21.79 -18.53
C ILE A 359 20.57 -21.00 -17.49
N ALA A 360 19.24 -21.02 -17.52
CA ALA A 360 18.46 -20.17 -16.64
C ALA A 360 18.64 -20.50 -15.16
N ASN A 361 19.18 -21.68 -14.85
CA ASN A 361 19.33 -22.07 -13.45
C ASN A 361 20.35 -21.19 -12.73
N ASP A 362 21.51 -20.97 -13.35
CA ASP A 362 22.57 -20.22 -12.69
C ASP A 362 22.25 -18.74 -12.61
N TYR A 363 21.76 -18.16 -13.71
CA TYR A 363 21.45 -16.74 -13.73
C TYR A 363 20.21 -16.45 -12.88
N PRO A 364 20.14 -15.27 -12.27
CA PRO A 364 19.02 -14.96 -11.38
C PRO A 364 17.72 -14.69 -12.13
N LEU A 365 16.69 -14.28 -11.41
CA LEU A 365 15.42 -13.97 -12.04
C LEU A 365 15.61 -12.83 -13.05
N PRO A 366 14.93 -12.89 -14.19
CA PRO A 366 15.19 -11.91 -15.26
C PRO A 366 14.73 -10.52 -14.86
N SER A 367 15.64 -9.56 -14.93
CA SER A 367 15.35 -8.15 -14.73
C SER A 367 15.46 -7.42 -16.05
N TYR A 368 15.05 -6.15 -16.05
CA TYR A 368 14.93 -5.38 -17.27
C TYR A 368 15.77 -4.11 -17.18
N TYR A 369 16.18 -3.61 -18.35
CA TYR A 369 17.14 -2.53 -18.45
C TYR A 369 16.43 -1.18 -18.47
N LYS A 370 16.91 -0.26 -17.63
CA LYS A 370 16.41 1.11 -17.60
C LYS A 370 17.61 2.06 -17.57
N THR A 371 17.38 3.28 -18.05
CA THR A 371 18.42 4.29 -18.10
C THR A 371 17.76 5.67 -18.16
N SER A 372 18.56 6.69 -18.43
CA SER A 372 18.09 8.06 -18.55
C SER A 372 17.92 8.42 -20.03
N GLU A 373 17.48 9.65 -20.27
CA GLU A 373 17.25 10.11 -21.64
C GLU A 373 18.54 10.20 -22.45
N GLU A 374 19.69 10.24 -21.78
CA GLU A 374 20.98 10.32 -22.48
C GLU A 374 21.23 9.00 -23.19
N GLU A 375 21.03 9.00 -24.51
CA GLU A 375 21.19 7.80 -25.32
C GLU A 375 21.25 8.20 -26.78
N THR A 376 22.30 7.76 -27.48
CA THR A 376 22.52 8.12 -28.87
C THR A 376 22.68 6.88 -29.72
N ASP A 377 22.41 7.05 -31.02
CA ASP A 377 22.49 5.95 -31.97
C ASP A 377 23.95 5.50 -32.13
N GLU A 378 24.11 4.26 -32.59
CA GLU A 378 25.42 3.66 -32.75
C GLU A 378 25.90 3.63 -34.19
N LEU A 379 25.01 3.38 -35.15
CA LEU A 379 25.41 3.34 -36.54
C LEU A 379 25.86 4.72 -37.04
N ILE A 380 25.19 5.78 -36.59
CA ILE A 380 25.53 7.12 -37.06
C ILE A 380 26.91 7.55 -36.58
N LEU A 381 27.42 6.96 -35.50
CA LEU A 381 28.75 7.34 -35.02
C LEU A 381 29.84 6.85 -35.95
N TYR A 382 29.68 5.64 -36.50
CA TYR A 382 30.69 5.01 -37.33
C TYR A 382 30.09 4.43 -38.60
N ASP A 383 29.28 5.24 -39.27
CA ASP A 383 28.71 4.85 -40.56
C ASP A 383 29.81 4.66 -41.59
N ALA A 384 29.70 3.58 -42.35
CA ALA A 384 30.69 3.28 -43.39
C ALA A 384 30.07 2.44 -44.49
N GLU A 391 37.75 -7.95 -38.15
CA GLU A 391 39.13 -8.20 -38.58
C GLU A 391 39.90 -6.89 -38.69
N HIS A 392 39.33 -5.91 -39.37
CA HIS A 392 39.91 -4.58 -39.51
C HIS A 392 38.90 -3.52 -39.12
N LEU A 393 38.19 -3.74 -38.03
CA LEU A 393 37.12 -2.87 -37.55
C LEU A 393 37.61 -2.05 -36.36
N PRO A 394 36.97 -0.90 -36.10
CA PRO A 394 37.37 -0.10 -34.94
C PRO A 394 37.24 -0.89 -33.64
N HIS A 395 38.23 -0.73 -32.77
CA HIS A 395 38.34 -1.51 -31.54
C HIS A 395 37.85 -0.74 -30.32
N ARG A 396 36.78 0.05 -30.48
CA ARG A 396 36.30 0.90 -29.41
C ARG A 396 35.81 0.04 -28.25
N MET A 397 36.07 0.47 -27.01
CA MET A 397 35.73 -0.33 -25.85
C MET A 397 34.57 0.31 -25.11
N LEU A 398 34.02 -0.41 -24.14
CA LEU A 398 32.76 -0.05 -23.52
C LEU A 398 32.89 0.08 -22.01
N HIS A 399 32.32 1.15 -21.46
CA HIS A 399 32.14 1.33 -20.02
C HIS A 399 30.66 1.15 -19.67
N ASN A 400 30.41 0.52 -18.52
CA ASN A 400 29.06 0.38 -17.98
C ASN A 400 28.10 -0.24 -18.99
N TRP A 401 28.58 -1.24 -19.72
CA TRP A 401 27.80 -1.88 -20.76
C TRP A 401 26.77 -2.82 -20.16
N ALA A 402 25.78 -3.17 -21.00
CA ALA A 402 24.75 -4.13 -20.63
C ALA A 402 24.17 -4.74 -21.90
N LEU A 403 23.56 -5.91 -21.75
CA LEU A 403 22.99 -6.63 -22.88
C LEU A 403 21.53 -6.98 -22.58
N TYR A 404 20.74 -7.09 -23.63
CA TYR A 404 19.33 -7.41 -23.50
C TYR A 404 18.79 -7.96 -24.82
N ASN A 405 17.57 -8.50 -24.76
CA ASN A 405 16.87 -8.96 -25.94
C ASN A 405 15.99 -7.84 -26.48
N SER A 406 15.08 -8.17 -27.38
CA SER A 406 14.17 -7.17 -27.94
C SER A 406 13.10 -6.73 -26.95
N ASP A 407 12.96 -7.40 -25.81
CA ASP A 407 12.02 -7.00 -24.78
C ASP A 407 12.71 -6.27 -23.63
N LEU A 408 13.95 -5.82 -23.84
CA LEU A 408 14.73 -5.12 -22.82
C LEU A 408 14.94 -5.99 -21.58
N ARG A 409 14.95 -7.31 -21.76
CA ARG A 409 15.20 -8.24 -20.67
C ARG A 409 16.68 -8.60 -20.65
N PHE A 410 17.29 -8.49 -19.47
CA PHE A 410 18.71 -8.80 -19.34
C PHE A 410 18.97 -10.25 -19.77
N ILE A 411 19.99 -10.43 -20.60
CA ILE A 411 20.29 -11.72 -21.19
C ILE A 411 21.79 -11.98 -21.04
N SER A 412 22.13 -13.21 -20.67
CA SER A 412 23.53 -13.58 -20.48
C SER A 412 24.29 -13.50 -21.79
N LEU A 413 25.58 -13.17 -21.69
CA LEU A 413 26.46 -13.13 -22.85
C LEU A 413 26.65 -14.51 -23.47
N GLU A 414 26.28 -15.57 -22.77
CA GLU A 414 26.47 -16.94 -23.24
C GLU A 414 25.61 -17.30 -24.43
N LEU A 415 24.63 -16.48 -24.79
CA LEU A 415 23.69 -16.79 -25.85
C LEU A 415 24.13 -16.31 -27.22
N LEU A 416 25.36 -15.81 -27.34
CA LEU A 416 25.85 -15.36 -28.63
C LEU A 416 26.81 -16.40 -29.23
N PRO A 417 26.90 -16.49 -30.55
CA PRO A 417 27.69 -17.57 -31.16
C PRO A 417 29.17 -17.22 -31.27
N MET A 418 29.92 -18.22 -31.73
CA MET A 418 31.37 -18.12 -31.82
C MET A 418 31.87 -17.79 -33.22
N LYS A 419 31.15 -18.19 -34.26
CA LYS A 419 31.60 -18.07 -35.64
C LYS A 419 30.54 -17.32 -36.45
N GLN A 420 30.78 -17.23 -37.76
CA GLN A 420 29.84 -16.57 -38.66
C GLN A 420 28.58 -17.40 -38.82
N CYS A 421 27.46 -16.72 -39.04
CA CYS A 421 26.18 -17.38 -39.23
C CYS A 421 25.34 -16.54 -40.17
N ASP A 422 24.72 -17.19 -41.16
CA ASP A 422 23.89 -16.48 -42.12
C ASP A 422 22.64 -15.91 -41.45
N ASP A 423 21.95 -16.74 -40.67
CA ASP A 423 20.74 -16.32 -39.96
C ASP A 423 20.91 -16.68 -38.49
N ILE A 424 20.91 -15.66 -37.62
CA ILE A 424 20.98 -15.85 -36.18
C ILE A 424 19.58 -15.65 -35.63
N ASP A 425 18.98 -16.74 -35.13
CA ASP A 425 17.60 -16.68 -34.68
C ASP A 425 17.42 -15.77 -33.48
N VAL A 426 18.37 -15.80 -32.54
CA VAL A 426 18.28 -14.97 -31.34
C VAL A 426 18.82 -13.58 -31.66
N ASN A 427 18.02 -12.56 -31.36
CA ASN A 427 18.40 -11.17 -31.55
C ASN A 427 18.84 -10.58 -30.20
N ILE A 428 19.96 -9.87 -30.21
CA ILE A 428 20.54 -9.35 -28.97
C ILE A 428 21.05 -7.94 -29.23
N PHE A 429 20.74 -7.04 -28.30
CA PHE A 429 21.19 -5.65 -28.40
C PHE A 429 21.90 -5.30 -27.09
N GLY A 430 22.62 -4.18 -27.12
CA GLY A 430 23.42 -3.78 -25.98
C GLY A 430 23.44 -2.28 -25.81
N SER A 431 24.11 -1.85 -24.75
CA SER A 431 24.25 -0.44 -24.46
C SER A 431 25.52 -0.22 -23.64
N GLY A 432 25.98 1.02 -23.59
CA GLY A 432 27.15 1.36 -22.81
C GLY A 432 27.68 2.73 -23.19
N VAL A 433 28.95 2.95 -22.82
CA VAL A 433 29.66 4.19 -23.12
C VAL A 433 30.86 3.83 -23.99
N VAL A 434 30.90 4.39 -25.19
CA VAL A 434 31.98 4.09 -26.13
C VAL A 434 33.20 4.94 -25.78
N THR A 435 34.35 4.29 -25.65
CA THR A 435 35.55 4.93 -25.13
C THR A 435 36.76 4.36 -25.86
N ASP A 436 37.87 5.10 -25.80
CA ASP A 436 39.10 4.69 -26.47
C ASP A 436 39.63 3.39 -25.90
N ASP A 437 40.10 2.53 -26.80
CA ASP A 437 40.69 1.26 -26.39
C ASP A 437 42.02 1.54 -25.68
N ASN A 438 42.24 0.89 -24.54
CA ASN A 438 43.46 1.03 -23.78
C ASN A 438 44.15 -0.31 -23.54
N GLY A 439 43.67 -1.38 -24.16
CA GLY A 439 44.25 -2.70 -23.93
C GLY A 439 44.10 -3.18 -22.51
N SER A 440 42.96 -2.91 -21.88
CA SER A 440 42.72 -3.32 -20.51
C SER A 440 42.29 -4.79 -20.50
N TRP A 441 43.01 -5.61 -19.76
CA TRP A 441 42.77 -7.05 -19.69
C TRP A 441 42.47 -7.43 -18.25
N ILE A 442 41.52 -8.34 -18.08
CA ILE A 442 41.01 -8.71 -16.76
C ILE A 442 41.42 -10.14 -16.44
N SER A 443 41.87 -10.36 -15.21
CA SER A 443 42.27 -11.67 -14.74
C SER A 443 41.44 -12.18 -13.57
N LEU A 444 41.23 -11.35 -12.54
CA LEU A 444 40.47 -11.75 -11.37
C LEU A 444 39.77 -10.53 -10.80
N ASN A 445 38.78 -10.79 -9.95
CA ASN A 445 38.00 -9.74 -9.28
C ASN A 445 37.36 -8.80 -10.29
N MET A 459 28.69 10.31 -22.38
CA MET A 459 27.65 9.96 -23.36
C MET A 459 27.32 8.47 -23.28
N CYS A 460 26.03 8.16 -23.38
CA CYS A 460 25.55 6.78 -23.35
C CYS A 460 25.05 6.37 -24.73
N ILE A 461 25.40 5.16 -25.14
CA ILE A 461 25.07 4.66 -26.46
C ILE A 461 24.30 3.36 -26.31
N PHE A 462 23.52 3.02 -27.34
CA PHE A 462 22.84 1.74 -27.41
C PHE A 462 23.32 1.00 -28.64
N LEU A 463 23.64 -0.29 -28.47
CA LEU A 463 24.27 -1.06 -29.52
C LEU A 463 23.24 -1.55 -30.53
N SER A 464 23.73 -2.02 -31.67
CA SER A 464 22.91 -2.67 -32.67
C SER A 464 22.86 -4.16 -32.39
N GLN A 465 22.35 -4.95 -33.34
CA GLN A 465 22.26 -6.39 -33.18
C GLN A 465 23.67 -6.98 -33.23
N ILE A 466 24.21 -7.33 -32.06
CA ILE A 466 25.52 -7.96 -32.00
C ILE A 466 25.47 -9.31 -32.70
N LYS A 467 26.44 -9.55 -33.58
CA LYS A 467 26.42 -10.76 -34.39
C LYS A 467 27.27 -11.88 -33.82
N GLU A 468 28.26 -11.57 -32.97
CA GLU A 468 29.02 -12.64 -32.32
C GLU A 468 29.77 -12.04 -31.12
N TRP A 469 30.43 -12.91 -30.37
CA TRP A 469 31.29 -12.51 -29.27
C TRP A 469 32.55 -13.38 -29.30
N MET A 470 33.62 -12.88 -28.68
CA MET A 470 34.91 -13.54 -28.73
C MET A 470 35.60 -13.52 -27.36
N ILE A 471 36.18 -14.66 -27.02
CA ILE A 471 37.17 -14.80 -25.97
C ILE A 471 38.54 -14.63 -26.60
N GLU A 472 39.33 -13.69 -26.09
CA GLU A 472 40.71 -13.53 -26.51
C GLU A 472 41.62 -14.25 -25.54
N PHE A 473 42.49 -15.11 -26.06
CA PHE A 473 43.31 -16.00 -25.23
C PHE A 473 44.24 -15.18 -24.35
N GLY A 474 43.98 -15.20 -23.05
CA GLY A 474 44.85 -14.56 -22.08
C GLY A 474 46.03 -15.42 -21.71
N SER A 475 47.05 -15.44 -22.59
CA SER A 475 48.20 -16.30 -22.36
C SER A 475 48.80 -16.12 -20.97
N ASP A 476 48.87 -14.87 -20.50
CA ASP A 476 49.27 -14.61 -19.12
C ASP A 476 48.06 -14.53 -18.19
N ASP A 477 47.16 -15.51 -18.31
CA ASP A 477 46.01 -15.65 -17.41
C ASP A 477 45.22 -14.35 -17.28
N ILE A 478 45.03 -13.65 -18.41
CA ILE A 478 44.39 -12.33 -18.38
C ILE A 478 43.26 -12.26 -19.40
N ILE A 479 42.60 -13.39 -19.66
CA ILE A 479 41.58 -13.52 -20.70
C ILE A 479 40.61 -12.35 -20.72
N SER A 480 40.28 -11.87 -21.91
CA SER A 480 39.45 -10.69 -22.11
C SER A 480 38.10 -11.07 -22.73
N ILE A 481 37.23 -10.08 -22.86
CA ILE A 481 35.86 -10.26 -23.36
C ILE A 481 35.63 -9.24 -24.47
N SER A 482 35.10 -9.71 -25.61
CA SER A 482 34.87 -8.81 -26.73
C SER A 482 33.63 -9.25 -27.49
N ILE A 483 33.04 -8.32 -28.24
CA ILE A 483 31.87 -8.61 -29.07
C ILE A 483 32.02 -7.94 -30.44
N ARG A 484 31.35 -8.53 -31.42
CA ARG A 484 31.31 -8.02 -32.79
C ARG A 484 29.87 -7.80 -33.22
N THR A 485 29.51 -6.53 -33.41
CA THR A 485 28.33 -6.17 -34.18
C THR A 485 28.74 -6.17 -35.66
N ASP A 486 27.90 -5.59 -36.51
CA ASP A 486 28.15 -5.58 -37.94
C ASP A 486 28.94 -4.37 -38.41
N VAL A 487 29.44 -3.54 -37.50
CA VAL A 487 30.16 -2.32 -37.85
C VAL A 487 31.56 -2.28 -37.25
N ALA A 488 31.68 -2.59 -35.96
CA ALA A 488 32.96 -2.39 -35.29
C ALA A 488 33.12 -3.37 -34.13
N TRP A 489 34.37 -3.55 -33.72
CA TRP A 489 34.70 -4.36 -32.56
C TRP A 489 34.28 -3.63 -31.28
N TYR A 490 34.10 -4.38 -30.21
CA TYR A 490 33.78 -3.76 -28.91
C TYR A 490 34.42 -4.60 -27.80
N ARG A 491 35.54 -4.12 -27.27
CA ARG A 491 36.09 -4.70 -26.05
C ARG A 491 35.20 -4.34 -24.88
N LEU A 492 35.06 -5.26 -23.93
CA LEU A 492 34.10 -5.11 -22.84
C LEU A 492 34.84 -4.82 -21.54
N GLY A 493 34.43 -3.76 -20.85
CA GLY A 493 35.03 -3.40 -19.59
C GLY A 493 34.15 -3.73 -18.41
N LYS A 494 34.24 -2.95 -17.34
CA LYS A 494 33.40 -3.18 -16.18
C LYS A 494 31.94 -2.86 -16.53
N PRO A 495 31.01 -3.76 -16.30
CA PRO A 495 29.62 -3.54 -16.68
C PRO A 495 28.89 -2.72 -15.64
N SER A 496 27.63 -2.40 -15.95
CA SER A 496 26.78 -1.71 -15.00
C SER A 496 26.50 -2.62 -13.79
N LYS A 497 26.25 -1.98 -12.65
CA LYS A 497 26.01 -2.75 -11.43
C LYS A 497 24.77 -3.63 -11.55
N LEU A 498 23.79 -3.20 -12.33
CA LEU A 498 22.59 -4.01 -12.52
C LEU A 498 22.89 -5.28 -13.31
N TYR A 499 23.82 -5.22 -14.26
CA TYR A 499 24.16 -6.38 -15.07
C TYR A 499 25.18 -7.30 -14.42
N ALA A 500 25.77 -6.89 -13.29
CA ALA A 500 26.75 -7.73 -12.61
C ALA A 500 26.24 -9.12 -12.25
N PRO A 501 24.99 -9.32 -11.79
CA PRO A 501 24.53 -10.70 -11.58
C PRO A 501 24.57 -11.55 -12.83
N TRP A 502 24.36 -10.97 -14.00
CA TRP A 502 24.49 -11.71 -15.25
C TRP A 502 25.93 -11.75 -15.75
N TRP A 503 26.84 -11.05 -15.08
CA TRP A 503 28.25 -10.98 -15.47
C TRP A 503 29.11 -11.95 -14.69
N LYS A 504 28.84 -12.12 -13.40
CA LYS A 504 29.68 -12.99 -12.56
C LYS A 504 29.71 -14.45 -13.01
N PRO A 505 28.60 -15.09 -13.39
CA PRO A 505 28.70 -16.49 -13.83
C PRO A 505 29.66 -16.72 -15.00
N VAL A 506 29.79 -15.75 -15.91
CA VAL A 506 30.75 -15.89 -17.00
C VAL A 506 32.16 -15.96 -16.43
N LEU A 507 32.47 -15.10 -15.46
CA LEU A 507 33.77 -15.15 -14.81
C LEU A 507 33.96 -16.48 -14.06
N LYS A 508 32.89 -16.98 -13.45
CA LYS A 508 32.99 -18.25 -12.74
C LYS A 508 33.32 -19.39 -13.69
N THR A 509 32.65 -19.44 -14.84
CA THR A 509 32.94 -20.49 -15.80
C THR A 509 34.32 -20.31 -16.43
N ALA A 510 34.79 -19.06 -16.58
CA ALA A 510 36.15 -18.85 -17.05
C ALA A 510 37.17 -19.35 -16.04
N ARG A 511 36.91 -19.12 -14.74
CA ARG A 511 37.78 -19.65 -13.70
C ARG A 511 37.78 -21.16 -13.70
N VAL A 512 36.61 -21.76 -13.92
CA VAL A 512 36.54 -23.22 -14.02
C VAL A 512 37.39 -23.71 -15.20
N GLY A 513 37.25 -23.04 -16.35
CA GLY A 513 38.02 -23.45 -17.51
C GLY A 513 39.52 -23.35 -17.28
N ILE A 514 39.98 -22.24 -16.69
CA ILE A 514 41.40 -22.12 -16.40
C ILE A 514 41.85 -23.08 -15.32
N SER A 515 40.96 -23.48 -14.40
CA SER A 515 41.32 -24.48 -13.41
C SER A 515 41.57 -25.83 -14.07
N ILE A 516 40.68 -26.26 -14.96
CA ILE A 516 40.92 -27.49 -15.72
C ILE A 516 42.17 -27.36 -16.58
N LEU A 517 42.40 -26.18 -17.15
CA LEU A 517 43.62 -25.97 -17.93
C LEU A 517 44.86 -26.16 -17.07
N THR A 518 44.83 -25.65 -15.84
CA THR A 518 45.94 -25.86 -14.91
C THR A 518 46.09 -27.34 -14.56
N PHE A 519 44.96 -28.04 -14.40
CA PHE A 519 45.02 -29.47 -14.09
C PHE A 519 45.71 -30.24 -15.22
N LEU A 520 45.40 -29.92 -16.47
CA LEU A 520 46.01 -30.58 -17.61
C LEU A 520 47.01 -29.66 -18.31
N PHE A 531 36.97 -38.28 -19.69
CA PHE A 531 36.12 -37.17 -19.30
C PHE A 531 35.66 -37.32 -17.85
N ALA A 532 35.25 -38.53 -17.49
CA ALA A 532 34.76 -38.79 -16.14
C ALA A 532 35.84 -38.54 -15.10
N ASP A 533 37.11 -38.76 -15.45
CA ASP A 533 38.20 -38.46 -14.53
C ASP A 533 38.25 -36.98 -14.17
N VAL A 534 38.06 -36.12 -15.17
CA VAL A 534 38.04 -34.68 -14.92
C VAL A 534 36.88 -34.31 -14.02
N THR A 535 35.70 -34.91 -14.27
CA THR A 535 34.53 -34.63 -13.43
C THR A 535 34.77 -35.05 -11.99
N LYS A 536 35.37 -36.23 -11.79
CA LYS A 536 35.68 -36.67 -10.43
C LYS A 536 36.69 -35.72 -9.78
N ARG A 537 37.69 -35.28 -10.53
CA ARG A 537 38.71 -34.39 -10.00
C ARG A 537 38.09 -33.08 -9.53
N LEU A 538 37.26 -32.45 -10.38
CA LEU A 538 36.69 -31.16 -10.00
C LEU A 538 35.56 -31.30 -8.99
N SER A 539 34.94 -32.48 -8.88
CA SER A 539 33.99 -32.72 -7.81
C SER A 539 34.66 -32.96 -6.47
N GLY A 540 35.91 -33.46 -6.48
CA GLY A 540 36.63 -33.64 -5.23
C GLY A 540 36.89 -32.34 -4.51
N LEU A 541 37.08 -31.26 -5.27
CA LEU A 541 37.33 -29.95 -4.67
C LEU A 541 36.13 -29.49 -3.86
N GLN A 542 36.40 -28.80 -2.77
CA GLN A 542 35.38 -28.30 -1.86
C GLN A 542 35.07 -26.83 -2.16
N ALA A 543 34.18 -26.24 -1.37
CA ALA A 543 33.73 -24.87 -1.60
C ALA A 543 34.81 -23.83 -1.36
N ASN A 544 35.95 -24.21 -0.76
CA ASN A 544 37.01 -23.25 -0.50
C ASN A 544 37.56 -22.66 -1.79
N ASP A 545 37.76 -23.50 -2.80
CA ASP A 545 38.29 -23.04 -4.08
C ASP A 545 37.24 -22.24 -4.83
N LYS A 546 37.70 -21.24 -5.58
CA LYS A 546 36.79 -20.41 -6.37
C LYS A 546 36.16 -21.21 -7.50
N ALA A 547 36.86 -22.21 -8.03
CA ALA A 547 36.37 -23.00 -9.15
C ALA A 547 35.48 -24.15 -8.71
N TYR A 548 34.94 -24.10 -7.49
CA TYR A 548 34.04 -25.13 -7.01
C TYR A 548 32.66 -24.95 -7.64
N ILE A 549 32.03 -26.08 -7.98
CA ILE A 549 30.69 -26.05 -8.57
C ILE A 549 29.73 -26.81 -7.67
N SER A 550 29.98 -28.11 -7.50
CA SER A 550 29.13 -28.96 -6.69
C SER A 550 29.84 -30.29 -6.46
N SER A 551 29.55 -30.91 -5.32
CA SER A 551 30.11 -32.21 -5.00
C SER A 551 29.38 -33.35 -5.68
N ASP A 552 28.27 -33.08 -6.37
CA ASP A 552 27.49 -34.13 -7.00
C ASP A 552 27.99 -34.31 -8.42
N PRO A 553 28.46 -35.50 -8.81
CA PRO A 553 28.89 -35.71 -10.21
C PRO A 553 27.85 -35.32 -11.24
N LEU A 554 26.57 -35.63 -11.01
CA LEU A 554 25.56 -35.37 -12.02
C LEU A 554 25.33 -33.87 -12.19
N ALA A 555 25.21 -33.15 -11.08
CA ALA A 555 25.00 -31.70 -11.15
C ALA A 555 26.18 -31.00 -11.80
N VAL A 556 27.39 -31.40 -11.45
CA VAL A 556 28.57 -30.74 -12.02
C VAL A 556 28.72 -31.11 -13.49
N GLU A 557 28.34 -32.32 -13.89
CA GLU A 557 28.35 -32.67 -15.30
C GLU A 557 27.33 -31.85 -16.07
N ARG A 558 26.16 -31.64 -15.48
CA ARG A 558 25.16 -30.77 -16.10
C ARG A 558 25.69 -29.35 -16.24
N TYR A 559 26.37 -28.85 -15.21
CA TYR A 559 26.96 -27.50 -15.30
C TYR A 559 27.99 -27.42 -16.41
N LEU A 560 28.85 -28.44 -16.52
CA LEU A 560 29.88 -28.41 -17.56
C LEU A 560 29.26 -28.49 -18.96
N VAL A 561 28.27 -29.35 -19.15
CA VAL A 561 27.68 -29.47 -20.48
C VAL A 561 26.85 -28.24 -20.84
N VAL A 562 26.23 -27.60 -19.85
CA VAL A 562 25.45 -26.40 -20.11
C VAL A 562 26.35 -25.28 -20.61
N HIS A 563 27.48 -25.06 -19.93
CA HIS A 563 28.46 -24.06 -20.36
C HIS A 563 29.57 -24.75 -21.15
N GLY A 564 29.18 -25.30 -22.30
CA GLY A 564 30.08 -26.08 -23.11
C GLY A 564 31.00 -25.29 -24.02
N GLN A 565 30.40 -24.48 -24.92
CA GLN A 565 31.19 -23.74 -25.89
C GLN A 565 32.14 -22.75 -25.20
N ILE A 566 31.70 -22.17 -24.08
CA ILE A 566 32.54 -21.22 -23.35
C ILE A 566 33.82 -21.87 -22.84
N ILE A 567 33.84 -23.20 -22.75
CA ILE A 567 35.03 -23.94 -22.37
C ILE A 567 35.69 -24.60 -23.57
N LEU A 568 34.88 -25.09 -24.52
CA LEU A 568 35.43 -25.75 -25.69
C LEU A 568 36.26 -24.80 -26.53
N GLN A 569 35.76 -23.58 -26.75
CA GLN A 569 36.51 -22.61 -27.52
C GLN A 569 37.75 -22.15 -26.78
N LEU A 570 37.64 -21.99 -25.45
CA LEU A 570 38.80 -21.60 -24.65
C LEU A 570 39.90 -22.66 -24.72
N PHE A 571 39.51 -23.93 -24.72
CA PHE A 571 40.49 -25.00 -24.90
C PHE A 571 41.04 -25.03 -26.32
N ALA A 572 40.21 -24.67 -27.30
CA ALA A 572 40.64 -24.72 -28.69
C ALA A 572 41.55 -23.56 -29.10
N VAL A 573 41.64 -22.52 -28.29
CA VAL A 573 42.47 -21.37 -28.60
C VAL A 573 43.82 -21.43 -27.86
N TYR A 574 44.19 -22.60 -27.35
CA TYR A 574 45.48 -22.75 -26.70
C TYR A 574 46.60 -22.90 -27.72
N VAL A 579 46.42 -30.72 -27.19
CA VAL A 579 45.40 -29.99 -26.46
C VAL A 579 44.24 -29.64 -27.38
N LYS A 580 44.55 -29.36 -28.64
CA LYS A 580 43.51 -29.02 -29.61
C LYS A 580 42.59 -30.19 -29.90
N ARG A 581 43.12 -31.41 -29.89
CA ARG A 581 42.34 -32.62 -30.09
C ARG A 581 42.34 -33.49 -28.84
N CYS A 582 42.34 -32.85 -27.67
CA CYS A 582 42.32 -33.58 -26.41
C CYS A 582 40.99 -34.34 -26.26
N PRO A 583 41.01 -35.51 -25.62
CA PRO A 583 39.76 -36.25 -25.41
C PRO A 583 38.70 -35.45 -24.67
N PHE A 584 39.10 -34.51 -23.82
CA PHE A 584 38.12 -33.66 -23.15
C PHE A 584 37.33 -32.84 -24.16
N VAL A 585 38.00 -32.34 -25.20
CA VAL A 585 37.33 -31.50 -26.19
C VAL A 585 36.26 -32.30 -26.94
N VAL A 586 36.63 -33.48 -27.43
CA VAL A 586 35.67 -34.28 -28.18
C VAL A 586 34.55 -34.79 -27.27
N GLY A 587 34.88 -35.12 -26.02
CA GLY A 587 33.84 -35.51 -25.08
C GLY A 587 32.86 -34.39 -24.80
N LEU A 588 33.36 -33.17 -24.64
CA LEU A 588 32.49 -32.01 -24.44
C LEU A 588 31.62 -31.76 -25.66
N ALA A 589 32.19 -31.91 -26.86
CA ALA A 589 31.40 -31.74 -28.08
C ALA A 589 30.30 -32.81 -28.16
N SER A 590 30.62 -34.04 -27.80
CA SER A 590 29.63 -35.10 -27.80
C SER A 590 28.51 -34.81 -26.79
N LYS A 591 28.89 -34.30 -25.61
CA LYS A 591 27.88 -33.95 -24.61
C LYS A 591 26.99 -32.79 -25.10
N LEU A 592 27.60 -31.81 -25.78
CA LEU A 592 26.82 -30.72 -26.34
C LEU A 592 25.82 -31.23 -27.38
N GLU A 593 26.26 -32.16 -28.22
CA GLU A 593 25.34 -32.78 -29.17
C GLU A 593 24.24 -33.54 -28.44
N ASP A 594 24.59 -34.23 -27.35
CA ASP A 594 23.60 -34.94 -26.55
C ASP A 594 22.57 -33.97 -25.95
N ARG A 595 22.98 -32.73 -25.69
CA ARG A 595 22.08 -31.70 -25.20
C ARG A 595 21.89 -30.63 -26.28
N HIS A 596 21.76 -31.06 -27.53
CA HIS A 596 21.53 -30.14 -28.63
C HIS A 596 20.19 -29.43 -28.46
N HIS A 597 20.19 -28.13 -28.68
CA HIS A 597 18.96 -27.35 -28.53
C HIS A 597 18.75 -26.43 -29.72
N THR A 598 19.82 -26.09 -30.43
CA THR A 598 19.74 -25.19 -31.57
C THR A 598 20.98 -25.36 -32.44
N LYS A 599 20.77 -25.62 -33.72
CA LYS A 599 21.85 -25.78 -34.68
C LYS A 599 22.10 -24.47 -35.42
N TRP A 600 23.33 -24.30 -35.89
CA TRP A 600 23.70 -23.13 -36.66
C TRP A 600 24.75 -23.52 -37.69
N ILE A 601 24.89 -22.68 -38.71
CA ILE A 601 25.78 -22.94 -39.84
C ILE A 601 27.00 -22.03 -39.72
N ILE A 602 28.18 -22.63 -39.66
CA ILE A 602 29.43 -21.88 -39.63
C ILE A 602 29.76 -21.42 -41.04
N LYS A 603 30.15 -20.15 -41.18
CA LYS A 603 30.44 -19.58 -42.48
C LYS A 603 31.67 -18.69 -42.36
N LYS A 604 31.90 -17.87 -43.37
CA LYS A 604 33.07 -17.00 -43.48
C LYS A 604 32.60 -15.55 -43.47
N LYS A 605 33.54 -14.64 -43.76
CA LYS A 605 33.31 -13.20 -43.77
C LYS A 605 32.01 -12.83 -44.47
N LYS A 606 31.12 -12.16 -43.74
CA LYS A 606 29.82 -11.75 -44.30
C LYS A 606 29.42 -10.35 -43.85
N ILE A 607 30.38 -9.51 -43.45
CA ILE A 607 30.03 -8.20 -42.91
C ILE A 607 29.51 -7.31 -44.05
N SER A 608 28.32 -6.77 -43.85
CA SER A 608 27.70 -5.86 -44.82
C SER A 608 26.57 -5.13 -44.11
N LEU A 609 26.69 -3.81 -44.00
CA LEU A 609 25.71 -3.01 -43.27
C LEU A 609 24.40 -2.99 -44.04
N LYS A 610 23.43 -3.76 -43.57
CA LYS A 610 22.12 -3.88 -44.23
C LYS A 610 21.01 -3.92 -43.19
N GLU A 611 21.20 -3.24 -42.07
CA GLU A 611 20.24 -3.19 -40.98
C GLU A 611 20.02 -1.74 -40.58
N LEU A 612 18.81 -1.44 -40.10
CA LEU A 612 18.57 -0.08 -39.64
C LEU A 612 19.10 0.11 -38.22
N ASN A 613 18.27 -0.16 -37.21
CA ASN A 613 18.82 -0.40 -35.89
C ASN A 613 18.10 -1.55 -35.19
N LEU A 614 16.77 -1.63 -35.36
CA LEU A 614 15.90 -2.62 -34.71
C LEU A 614 16.07 -2.68 -33.19
N ASN A 615 16.74 -1.72 -32.59
CA ASN A 615 16.96 -1.74 -31.16
C ASN A 615 15.73 -1.21 -30.44
N PRO A 616 15.19 -1.94 -29.46
CA PRO A 616 14.05 -1.42 -28.69
C PRO A 616 14.31 -0.06 -28.06
N ARG A 617 15.53 0.17 -27.57
CA ARG A 617 15.84 1.44 -26.92
C ARG A 617 15.70 2.61 -27.88
N ALA A 618 15.99 2.40 -29.16
CA ALA A 618 15.92 3.46 -30.16
C ALA A 618 14.51 4.01 -30.30
N GLY A 619 14.33 5.29 -29.99
CA GLY A 619 13.08 5.98 -30.17
C GLY A 619 12.31 6.25 -28.89
N MET A 620 12.65 5.59 -27.79
CA MET A 620 11.95 5.79 -26.53
C MET A 620 12.57 6.93 -25.76
N ALA A 621 11.73 7.64 -24.99
CA ALA A 621 12.17 8.71 -24.13
C ALA A 621 12.08 8.25 -22.68
N PRO A 622 13.20 7.92 -22.03
CA PRO A 622 13.14 7.40 -20.66
C PRO A 622 12.69 8.46 -19.66
N VAL A 623 12.22 7.98 -18.51
CA VAL A 623 11.91 8.88 -17.41
C VAL A 623 13.19 9.53 -16.93
N ALA A 624 13.16 10.85 -16.77
CA ALA A 624 14.36 11.60 -16.43
C ALA A 624 14.17 12.45 -15.19
N SER A 625 13.22 12.11 -14.33
CA SER A 625 12.96 12.97 -13.16
C SER A 625 13.95 12.68 -12.04
N LYS A 626 13.84 11.50 -11.43
CA LYS A 626 14.65 11.13 -10.26
C LYS A 626 14.89 12.33 -9.34
N ARG A 627 13.82 12.94 -8.84
CA ARG A 627 13.93 14.21 -8.15
C ARG A 627 14.91 14.12 -6.98
N LYS A 628 15.76 15.12 -6.86
CA LYS A 628 16.80 15.13 -5.85
C LYS A 628 16.16 15.29 -4.47
N ALA A 629 16.36 14.31 -3.60
CA ALA A 629 15.75 14.32 -2.27
C ALA A 629 16.52 15.31 -1.40
N MET A 630 16.22 16.59 -1.60
CA MET A 630 16.82 17.63 -0.77
C MET A 630 16.22 17.59 0.64
N GLN A 631 16.97 18.15 1.58
CA GLN A 631 16.53 18.16 2.97
C GLN A 631 15.23 18.94 3.10
N ALA A 632 14.24 18.32 3.74
CA ALA A 632 12.91 18.90 3.82
C ALA A 632 12.91 20.14 4.71
N THR A 633 12.05 21.10 4.36
CA THR A 633 11.86 22.29 5.18
C THR A 633 10.94 21.95 6.33
N THR A 634 11.45 22.12 7.56
CA THR A 634 10.71 21.71 8.74
C THR A 634 10.74 22.81 9.80
N THR A 635 9.73 22.79 10.66
CA THR A 635 9.70 23.69 11.80
C THR A 635 10.70 23.18 12.85
N ARG A 636 11.02 24.05 13.81
CA ARG A 636 11.98 23.70 14.85
C ARG A 636 11.46 22.66 15.82
N LEU A 637 10.17 22.32 15.77
CA LEU A 637 9.61 21.31 16.66
C LEU A 637 9.73 19.90 16.07
N VAL A 638 9.26 19.71 14.83
CA VAL A 638 9.36 18.40 14.20
C VAL A 638 10.82 18.01 14.00
N ASN A 639 11.64 18.97 13.55
CA ASN A 639 13.06 18.69 13.37
C ASN A 639 13.71 18.27 14.68
N ARG A 640 13.37 18.96 15.77
CA ARG A 640 13.93 18.60 17.07
C ARG A 640 13.57 17.17 17.45
N ILE A 641 12.29 16.80 17.28
CA ILE A 641 11.84 15.48 17.68
C ILE A 641 12.56 14.40 16.87
N TRP A 642 12.56 14.54 15.54
CA TRP A 642 13.14 13.50 14.71
C TRP A 642 14.66 13.43 14.89
N GLY A 643 15.33 14.57 14.98
CA GLY A 643 16.76 14.57 15.20
C GLY A 643 17.15 13.97 16.54
N GLU A 644 16.40 14.31 17.60
CA GLU A 644 16.68 13.73 18.90
C GLU A 644 16.47 12.22 18.89
N PHE A 645 15.40 11.75 18.25
CA PHE A 645 15.17 10.31 18.19
C PHE A 645 16.28 9.60 17.42
N TYR A 646 16.70 10.17 16.28
CA TYR A 646 17.71 9.49 15.47
C TYR A 646 19.13 9.73 15.94
N SER A 647 19.33 10.61 16.92
CA SER A 647 20.62 10.76 17.57
C SER A 647 20.75 9.94 18.85
N ASN A 648 19.65 9.77 19.58
CA ASN A 648 19.66 8.88 20.74
C ASN A 648 19.69 7.41 20.33
N TYR A 649 19.21 7.09 19.13
CA TYR A 649 19.20 5.73 18.63
C TYR A 649 19.91 5.68 17.27
N SER A 650 19.80 4.55 16.57
CA SER A 650 20.31 4.36 15.22
C SER A 650 21.83 4.35 15.18
N PRO A 651 22.45 3.86 14.11
CA PRO A 651 23.92 3.91 14.02
C PRO A 651 24.43 5.32 13.76
N GLU A 652 24.53 6.12 14.82
CA GLU A 652 25.01 7.49 14.72
C GLU A 652 26.45 7.55 14.22
N ARG A 713 4.59 2.47 58.71
CA ARG A 713 4.02 3.58 57.96
C ARG A 713 2.74 4.09 58.61
N GLU A 714 2.48 5.38 58.45
CA GLU A 714 1.30 6.03 59.03
C GLU A 714 0.35 6.40 57.90
N ILE A 715 -0.88 5.89 57.97
CA ILE A 715 -1.83 6.01 56.86
C ILE A 715 -3.09 6.75 57.32
N LYS A 716 -2.92 7.71 58.22
CA LYS A 716 -4.07 8.45 58.72
C LYS A 716 -4.71 9.26 57.61
N TRP A 717 -6.01 9.55 57.79
CA TRP A 717 -6.77 10.32 56.82
C TRP A 717 -6.44 11.81 56.96
N ASP A 718 -7.17 12.65 56.22
CA ASP A 718 -6.96 14.09 56.30
C ASP A 718 -8.25 14.78 55.84
N GLY A 719 -8.92 15.46 56.77
CA GLY A 719 -10.15 16.16 56.48
C GLY A 719 -11.36 15.40 56.97
N GLU A 720 -12.53 15.84 56.48
CA GLU A 720 -13.80 15.27 56.84
C GLU A 720 -14.52 14.75 55.60
N SER A 721 -15.44 13.82 55.82
CA SER A 721 -16.19 13.23 54.72
C SER A 721 -17.08 14.28 54.05
N LEU A 722 -17.06 14.29 52.72
CA LEU A 722 -17.93 15.17 51.94
C LEU A 722 -19.24 14.48 51.54
N GLY A 723 -19.39 13.21 51.84
CA GLY A 723 -20.60 12.49 51.47
C GLY A 723 -20.44 11.00 51.70
N LYS A 724 -21.42 10.25 51.21
CA LYS A 724 -21.44 8.81 51.32
C LYS A 724 -21.72 8.19 49.96
N THR A 725 -21.16 7.01 49.74
CA THR A 725 -21.37 6.29 48.49
C THR A 725 -22.72 5.58 48.51
N SER A 726 -23.02 4.87 47.42
CA SER A 726 -24.24 4.08 47.36
C SER A 726 -24.25 2.98 48.42
N ALA A 727 -23.10 2.34 48.63
CA ALA A 727 -22.97 1.28 49.62
C ALA A 727 -22.82 1.82 51.04
N GLY A 728 -23.07 3.10 51.26
CA GLY A 728 -22.96 3.68 52.60
C GLY A 728 -21.56 3.70 53.17
N GLU A 729 -20.57 4.09 52.36
CA GLU A 729 -19.21 4.18 52.83
C GLU A 729 -18.74 5.64 52.85
N PRO A 730 -17.89 6.02 53.80
CA PRO A 730 -17.39 7.39 53.84
C PRO A 730 -16.57 7.72 52.60
N LEU A 731 -16.68 8.97 52.15
CA LEU A 731 -15.94 9.46 51.00
C LEU A 731 -14.92 10.49 51.48
N TYR A 732 -13.65 10.22 51.22
CA TYR A 732 -12.55 11.04 51.72
C TYR A 732 -11.73 11.55 50.55
N GLN A 733 -11.30 12.81 50.63
CA GLN A 733 -10.61 13.50 49.56
C GLN A 733 -9.10 13.45 49.67
N GLN A 734 -8.56 13.57 50.88
CA GLN A 734 -7.12 13.72 51.10
C GLN A 734 -6.67 12.76 52.18
N ALA A 735 -5.43 12.26 52.05
CA ALA A 735 -4.94 11.27 53.00
C ALA A 735 -3.41 11.37 53.11
N LEU A 736 -2.92 10.84 54.23
CA LEU A 736 -1.50 10.74 54.53
C LEU A 736 -1.02 9.33 54.17
N VAL A 737 0.16 9.24 53.55
CA VAL A 737 0.79 7.95 53.28
C VAL A 737 2.27 8.12 53.58
N GLY A 738 2.72 7.52 54.69
CA GLY A 738 4.13 7.56 55.03
C GLY A 738 4.71 8.95 55.16
N GLY A 739 3.90 9.95 55.45
CA GLY A 739 4.35 11.32 55.57
C GLY A 739 4.10 12.17 54.33
N GLU A 740 3.84 11.56 53.18
CA GLU A 740 3.56 12.31 51.96
C GLU A 740 2.06 12.28 51.67
N MET A 741 1.68 12.99 50.60
CA MET A 741 0.30 13.37 50.35
C MET A 741 -0.32 12.43 49.31
N VAL A 742 -1.61 12.13 49.47
CA VAL A 742 -2.37 11.46 48.41
C VAL A 742 -3.75 12.10 48.34
N ALA A 743 -4.18 12.46 47.13
CA ALA A 743 -5.47 13.10 46.94
C ALA A 743 -6.05 12.70 45.59
N VAL A 744 -7.37 12.87 45.47
CA VAL A 744 -8.03 12.61 44.20
C VAL A 744 -7.51 13.59 43.16
N GLY A 745 -7.20 13.07 41.97
CA GLY A 745 -6.57 13.85 40.93
C GLY A 745 -5.08 13.67 40.84
N GLY A 746 -4.44 13.17 41.90
CA GLY A 746 -3.04 12.85 41.87
C GLY A 746 -2.78 11.45 41.33
N ALA A 747 -1.55 11.00 41.50
CA ALA A 747 -1.14 9.67 41.05
C ALA A 747 -0.30 9.00 42.13
N VAL A 748 -0.52 7.70 42.30
CA VAL A 748 0.21 6.90 43.26
C VAL A 748 0.95 5.80 42.50
N THR A 749 1.88 5.15 43.20
CA THR A 749 2.65 4.06 42.63
C THR A 749 2.34 2.77 43.37
N LEU A 750 2.25 1.67 42.61
CA LEU A 750 1.96 0.36 43.17
C LEU A 750 3.20 -0.52 43.12
N GLU A 751 3.50 -1.18 44.23
CA GLU A 751 4.66 -2.05 44.31
C GLU A 751 4.51 -3.21 43.32
N VAL A 752 5.59 -3.47 42.57
CA VAL A 752 5.59 -4.49 41.54
C VAL A 752 6.79 -5.41 41.79
N ASP A 753 6.57 -6.70 41.55
CA ASP A 753 7.60 -7.74 41.70
C ASP A 753 8.95 -7.35 41.13
N ASP A 756 12.18 -5.18 40.42
CA ASP A 756 12.27 -5.58 39.02
C ASP A 756 11.31 -4.78 38.16
N GLU A 757 11.63 -4.69 36.87
CA GLU A 757 10.85 -3.93 35.87
C GLU A 757 10.70 -2.49 36.39
N MET A 758 9.51 -1.90 36.32
CA MET A 758 9.29 -0.53 36.73
C MET A 758 7.95 -0.41 37.42
N PRO A 759 7.85 0.33 38.51
CA PRO A 759 6.58 0.42 39.25
C PRO A 759 5.49 1.05 38.39
N ALA A 760 4.27 0.58 38.61
CA ALA A 760 3.10 1.09 37.89
C ALA A 760 2.52 2.30 38.59
N ILE A 761 1.95 3.20 37.81
CA ILE A 761 1.36 4.45 38.30
C ILE A 761 -0.14 4.39 38.07
N TYR A 762 -0.91 4.75 39.09
CA TYR A 762 -2.35 4.73 39.04
C TYR A 762 -2.91 6.10 39.39
N PHE A 763 -3.82 6.61 38.57
CA PHE A 763 -4.49 7.87 38.83
C PHE A 763 -5.64 7.63 39.79
N VAL A 764 -5.59 8.28 40.96
CA VAL A 764 -6.62 8.06 41.99
C VAL A 764 -7.93 8.65 41.51
N GLU A 765 -9.01 7.84 41.59
CA GLU A 765 -10.34 8.30 41.23
C GLU A 765 -11.16 8.68 42.46
N TYR A 766 -11.13 7.85 43.50
CA TYR A 766 -11.84 8.15 44.74
C TYR A 766 -11.25 7.30 45.86
N MET A 767 -11.46 7.77 47.09
CA MET A 767 -11.03 7.06 48.29
C MET A 767 -12.24 6.82 49.18
N PHE A 768 -12.33 5.60 49.72
CA PHE A 768 -13.42 5.25 50.62
C PHE A 768 -12.89 4.38 51.74
N GLU A 769 -13.62 4.38 52.86
CA GLU A 769 -13.31 3.52 53.99
C GLU A 769 -14.24 2.33 53.95
N SER A 770 -13.67 1.12 53.96
CA SER A 770 -14.46 -0.09 53.85
C SER A 770 -15.28 -0.32 55.13
N THR A 771 -16.28 -1.18 55.02
CA THR A 771 -17.16 -1.46 56.14
C THR A 771 -16.39 -2.07 57.32
N ASP A 772 -15.32 -2.82 57.04
CA ASP A 772 -14.52 -3.44 58.08
C ASP A 772 -13.35 -2.56 58.52
N HIS A 773 -13.49 -1.24 58.38
CA HIS A 773 -12.45 -0.28 58.78
C HIS A 773 -11.15 -0.55 58.04
N CYS A 774 -11.21 -0.47 56.71
CA CYS A 774 -10.07 -0.70 55.85
C CYS A 774 -9.87 0.51 54.94
N LYS A 775 -8.61 0.91 54.78
CA LYS A 775 -8.25 2.04 53.92
C LYS A 775 -8.06 1.50 52.50
N MET A 776 -9.02 1.76 51.64
CA MET A 776 -9.00 1.26 50.27
C MET A 776 -9.23 2.41 49.30
N LEU A 777 -8.69 2.26 48.08
CA LEU A 777 -8.81 3.29 47.07
C LEU A 777 -8.96 2.65 45.70
N HIS A 778 -9.54 3.43 44.79
CA HIS A 778 -9.76 3.03 43.41
C HIS A 778 -8.93 3.90 42.49
N GLY A 779 -8.27 3.27 41.52
CA GLY A 779 -7.42 3.99 40.60
C GLY A 779 -7.60 3.49 39.18
N ARG A 780 -7.17 4.32 38.25
CA ARG A 780 -7.19 4.01 36.83
C ARG A 780 -5.76 3.88 36.34
N PHE A 781 -5.51 2.84 35.55
CA PHE A 781 -4.15 2.56 35.09
C PHE A 781 -3.61 3.72 34.25
N LEU A 782 -2.39 4.14 34.54
CA LEU A 782 -1.72 5.21 33.82
C LEU A 782 -0.54 4.57 33.08
N GLN A 783 -0.79 4.20 31.83
CA GLN A 783 0.21 3.50 31.03
C GLN A 783 1.38 4.43 30.72
N ARG A 784 2.59 3.91 30.88
CA ARG A 784 3.77 4.67 30.49
C ARG A 784 3.87 4.77 28.98
N GLY A 785 4.49 5.84 28.50
CA GLY A 785 4.59 6.06 27.07
C GLY A 785 5.35 4.97 26.34
N SER A 786 6.37 4.41 27.00
CA SER A 786 7.21 3.40 26.36
C SER A 786 6.46 2.10 26.09
N MET A 787 5.38 1.81 26.82
CA MET A 787 4.67 0.56 26.67
C MET A 787 3.51 0.64 25.70
N THR A 788 3.26 1.81 25.09
CA THR A 788 2.18 1.97 24.13
C THR A 788 2.71 1.69 22.72
N VAL A 789 1.91 2.03 21.71
CA VAL A 789 2.35 1.89 20.33
C VAL A 789 3.50 2.83 20.02
N LEU A 790 3.68 3.88 20.82
CA LEU A 790 4.79 4.81 20.59
C LEU A 790 6.14 4.10 20.74
N GLY A 791 6.27 3.25 21.75
CA GLY A 791 7.51 2.53 21.96
C GLY A 791 8.64 3.42 22.45
N ASN A 792 9.74 3.47 21.68
CA ASN A 792 10.91 4.24 22.07
C ASN A 792 10.82 5.71 21.65
N ALA A 793 9.73 6.11 20.99
CA ALA A 793 9.57 7.48 20.50
C ALA A 793 8.73 8.33 21.44
N ALA A 794 8.58 7.92 22.69
CA ALA A 794 7.76 8.64 23.66
C ALA A 794 8.63 9.20 24.77
N ASN A 795 8.22 10.35 25.29
CA ASN A 795 8.94 10.98 26.39
C ASN A 795 8.87 10.13 27.64
N GLU A 796 9.91 10.24 28.48
CA GLU A 796 9.94 9.49 29.73
C GLU A 796 8.87 9.99 30.70
N ARG A 797 8.53 11.27 30.64
CA ARG A 797 7.64 11.89 31.61
C ARG A 797 6.18 11.91 31.19
N GLU A 798 5.83 11.28 30.07
CA GLU A 798 4.46 11.31 29.56
C GLU A 798 3.73 10.02 29.90
N LEU A 799 2.56 10.15 30.52
CA LEU A 799 1.70 9.03 30.86
C LEU A 799 0.36 9.18 30.15
N PHE A 800 -0.27 8.05 29.84
CA PHE A 800 -1.54 8.04 29.13
C PHE A 800 -2.59 7.33 29.96
N LEU A 801 -3.75 7.96 30.12
CA LEU A 801 -4.86 7.32 30.81
C LEU A 801 -5.37 6.13 30.02
N THR A 802 -5.91 5.15 30.74
CA THR A 802 -6.43 3.94 30.12
C THR A 802 -7.75 3.56 30.78
N ASN A 803 -8.47 2.65 30.13
CA ASN A 803 -9.77 2.20 30.63
C ASN A 803 -9.67 1.18 31.74
N GLU A 804 -8.50 0.57 31.95
CA GLU A 804 -8.34 -0.44 32.98
C GLU A 804 -8.35 0.22 34.35
N CYS A 805 -9.08 -0.38 35.28
CA CYS A 805 -9.18 0.12 36.65
C CYS A 805 -8.61 -0.91 37.62
N MET A 806 -8.50 -0.49 38.88
CA MET A 806 -7.91 -1.33 39.91
C MET A 806 -8.34 -0.77 41.26
N THR A 807 -8.42 -1.66 42.25
CA THR A 807 -8.82 -1.27 43.60
C THR A 807 -7.89 -1.95 44.60
N THR A 808 -7.34 -1.19 45.54
CA THR A 808 -6.34 -1.76 46.44
C THR A 808 -6.30 -1.00 47.76
N GLN A 809 -5.72 -1.67 48.76
CA GLN A 809 -5.55 -1.07 50.07
C GLN A 809 -4.57 0.10 50.02
N LEU A 810 -4.76 1.05 50.93
CA LEU A 810 -3.88 2.21 50.98
C LEU A 810 -2.46 1.81 51.36
N LYS A 811 -2.31 0.86 52.27
CA LYS A 811 -0.99 0.46 52.75
C LYS A 811 -0.14 -0.23 51.69
N ASP A 812 -0.73 -0.61 50.55
CA ASP A 812 0.01 -1.24 49.47
C ASP A 812 0.67 -0.24 48.54
N ILE A 813 0.51 1.06 48.80
CA ILE A 813 1.10 2.10 47.96
C ILE A 813 2.60 2.16 48.21
N LYS A 814 3.39 2.08 47.14
CA LYS A 814 4.83 2.27 47.27
C LYS A 814 5.17 3.73 47.51
N GLY A 815 4.49 4.64 46.82
CA GLY A 815 4.72 6.07 47.01
C GLY A 815 3.82 6.86 46.09
N VAL A 816 3.88 8.18 46.25
CA VAL A 816 3.12 9.11 45.44
C VAL A 816 4.08 9.90 44.56
N ALA A 817 3.77 9.99 43.28
CA ALA A 817 4.59 10.69 42.31
C ALA A 817 3.90 11.98 41.87
N SER A 818 4.71 13.00 41.57
CA SER A 818 4.16 14.25 41.08
C SER A 818 3.48 14.02 39.73
N PHE A 819 2.32 14.64 39.54
CA PHE A 819 1.50 14.37 38.38
C PHE A 819 0.54 15.52 38.15
N GLU A 820 0.57 16.08 36.94
CA GLU A 820 -0.30 17.18 36.56
C GLU A 820 -0.91 16.91 35.20
N ILE A 821 -2.10 17.45 34.97
CA ILE A 821 -2.83 17.28 33.72
C ILE A 821 -2.65 18.54 32.88
N ARG A 822 -2.20 18.37 31.64
CA ARG A 822 -1.95 19.49 30.76
C ARG A 822 -3.20 19.81 29.94
N SER A 823 -3.60 21.08 29.95
CA SER A 823 -4.77 21.56 29.24
C SER A 823 -4.43 22.85 28.49
N ARG A 824 -3.32 22.81 27.76
CA ARG A 824 -2.86 24.00 27.04
C ARG A 824 -3.89 24.40 25.99
N PRO A 825 -4.14 25.70 25.82
CA PRO A 825 -5.13 26.14 24.83
C PRO A 825 -4.69 25.81 23.42
N TRP A 826 -5.68 25.63 22.55
CA TRP A 826 -5.44 25.27 21.16
C TRP A 826 -5.56 26.49 20.25
N GLY A 827 -4.78 26.49 19.18
CA GLY A 827 -4.80 27.57 18.22
C GLY A 827 -3.42 27.80 17.64
N HIS A 828 -3.40 28.46 16.48
CA HIS A 828 -2.13 28.77 15.83
C HIS A 828 -1.39 29.89 16.56
N GLN A 829 -2.12 30.84 17.14
CA GLN A 829 -1.49 31.97 17.81
C GLN A 829 -0.82 31.59 19.13
N TYR A 830 -1.03 30.37 19.62
CA TYR A 830 -0.44 29.93 20.87
C TYR A 830 0.80 29.06 20.66
N ARG A 831 1.34 29.03 19.44
CA ARG A 831 2.47 28.15 19.17
C ARG A 831 3.74 28.65 19.84
N LYS A 832 3.99 29.96 19.81
CA LYS A 832 5.21 30.50 20.40
C LYS A 832 5.24 30.31 21.91
N LYS A 833 4.12 30.56 22.58
CA LYS A 833 4.04 30.36 24.02
C LYS A 833 4.26 28.89 24.37
N ASN A 834 3.67 27.99 23.58
CA ASN A 834 3.88 26.56 23.81
C ASN A 834 5.34 26.19 23.61
N ILE A 835 6.01 26.78 22.62
CA ILE A 835 7.42 26.49 22.38
C ILE A 835 8.27 26.94 23.57
N THR A 836 8.00 28.15 24.07
CA THR A 836 8.74 28.65 25.22
C THR A 836 8.51 27.78 26.45
N ALA A 837 7.25 27.38 26.68
CA ALA A 837 6.95 26.51 27.81
C ALA A 837 7.63 25.16 27.66
N ASP A 838 7.69 24.63 26.44
CA ASP A 838 8.34 23.35 26.20
C ASP A 838 9.83 23.45 26.52
N LYS A 839 10.48 24.53 26.06
CA LYS A 839 11.90 24.70 26.38
C LYS A 839 12.12 24.81 27.89
N LEU A 840 11.28 25.60 28.57
CA LEU A 840 11.45 25.76 30.01
C LEU A 840 11.26 24.45 30.74
N ASP A 841 10.23 23.68 30.37
CA ASP A 841 9.97 22.41 31.02
C ASP A 841 11.08 21.40 30.74
N TRP A 842 11.61 21.39 29.52
CA TRP A 842 12.71 20.48 29.21
C TRP A 842 13.95 20.83 30.02
N ALA A 843 14.24 22.13 30.16
CA ALA A 843 15.38 22.54 30.98
C ALA A 843 15.18 22.12 32.43
N ARG A 844 13.97 22.32 32.97
CA ARG A 844 13.69 21.91 34.34
C ARG A 844 13.83 20.41 34.51
N ALA A 845 13.34 19.63 33.54
CA ALA A 845 13.45 18.18 33.62
C ALA A 845 14.90 17.73 33.59
N LEU A 846 15.72 18.34 32.72
CA LEU A 846 17.14 18.01 32.69
C LEU A 846 17.81 18.35 34.01
N GLU A 847 17.49 19.52 34.58
CA GLU A 847 18.07 19.90 35.86
C GLU A 847 17.69 18.92 36.96
N ARG A 848 16.42 18.50 36.99
CA ARG A 848 15.97 17.56 38.02
C ARG A 848 16.61 16.19 37.83
N LYS A 849 16.77 15.75 36.57
CA LYS A 849 17.42 14.46 36.32
C LYS A 849 18.89 14.50 36.72
N VAL A 850 19.56 15.65 36.53
CA VAL A 850 20.95 15.77 36.94
C VAL A 850 21.11 15.54 38.44
N LYS A 851 20.21 16.13 39.23
CA LYS A 851 20.23 15.99 40.68
C LYS A 851 19.45 14.78 41.19
N ASP A 852 19.27 13.76 40.34
CA ASP A 852 18.56 12.52 40.64
C ASP A 852 17.29 12.74 41.46
N LEU A 853 16.54 13.78 41.15
CA LEU A 853 15.27 14.04 41.81
C LEU A 853 14.17 13.18 41.19
N PRO A 854 13.07 12.95 41.92
CA PRO A 854 11.96 12.17 41.35
C PRO A 854 11.41 12.81 40.09
N THR A 855 11.05 11.97 39.13
CA THR A 855 10.56 12.43 37.84
C THR A 855 9.12 12.93 37.97
N GLU A 856 8.85 14.09 37.40
CA GLU A 856 7.50 14.66 37.38
C GLU A 856 6.80 14.25 36.09
N TYR A 857 5.62 13.65 36.23
CA TYR A 857 4.87 13.13 35.09
C TYR A 857 3.77 14.10 34.70
N TYR A 858 3.38 14.04 33.42
CA TYR A 858 2.26 14.81 32.91
C TYR A 858 1.45 13.93 31.96
N CYS A 859 0.12 14.08 32.01
CA CYS A 859 -0.78 13.32 31.16
C CYS A 859 -1.68 14.27 30.40
N LYS A 860 -1.79 14.07 29.09
CA LYS A 860 -2.65 14.91 28.27
C LYS A 860 -3.43 14.13 27.22
N SER A 861 -3.34 12.80 27.19
CA SER A 861 -4.08 12.01 26.21
C SER A 861 -4.57 10.73 26.88
N LEU A 862 -5.69 10.22 26.36
CA LEU A 862 -6.28 8.97 26.82
C LEU A 862 -6.02 7.91 25.76
N TYR A 863 -5.23 6.90 26.11
CA TYR A 863 -4.82 5.87 25.17
C TYR A 863 -5.84 4.74 25.20
N SER A 864 -6.59 4.60 24.10
CA SER A 864 -7.59 3.53 23.98
C SER A 864 -7.14 2.58 22.88
N PRO A 865 -6.63 1.39 23.24
CA PRO A 865 -6.24 0.43 22.19
C PRO A 865 -7.41 -0.25 21.53
N GLU A 866 -8.54 -0.40 22.24
CA GLU A 866 -9.72 -0.99 21.63
C GLU A 866 -10.24 -0.11 20.49
N ARG A 867 -10.28 1.19 20.70
CA ARG A 867 -10.55 2.13 19.62
C ARG A 867 -9.29 2.51 18.84
N GLY A 868 -8.12 2.13 19.35
CA GLY A 868 -6.88 2.32 18.63
C GLY A 868 -6.49 3.77 18.39
N GLY A 869 -6.31 4.54 19.46
CA GLY A 869 -5.89 5.91 19.28
C GLY A 869 -5.80 6.64 20.60
N PHE A 870 -5.27 7.86 20.52
CA PHE A 870 -5.15 8.74 21.67
C PHE A 870 -6.22 9.82 21.55
N PHE A 871 -7.06 9.93 22.57
CA PHE A 871 -8.22 10.81 22.57
C PHE A 871 -8.06 11.86 23.67
N SER A 872 -9.02 12.77 23.74
CA SER A 872 -8.99 13.84 24.73
C SER A 872 -9.54 13.35 26.07
N LEU A 873 -8.95 13.84 27.16
CA LEU A 873 -9.41 13.46 28.48
C LEU A 873 -10.79 14.05 28.77
N PRO A 874 -11.73 13.27 29.28
CA PRO A 874 -12.99 13.85 29.79
C PRO A 874 -12.76 14.50 31.16
N LEU A 875 -12.29 15.74 31.12
CA LEU A 875 -11.87 16.43 32.34
C LEU A 875 -13.02 16.59 33.33
N SER A 876 -14.26 16.59 32.84
CA SER A 876 -15.42 16.71 33.71
C SER A 876 -15.96 15.37 34.17
N ASP A 877 -15.34 14.27 33.77
CA ASP A 877 -15.80 12.93 34.14
C ASP A 877 -14.76 12.11 34.90
N ILE A 878 -13.56 12.65 35.12
CA ILE A 878 -12.53 11.93 35.86
C ILE A 878 -12.18 12.73 37.11
N GLY A 879 -11.74 12.02 38.14
CA GLY A 879 -11.44 12.67 39.41
C GLY A 879 -12.65 13.27 40.09
N ARG A 880 -13.82 12.66 39.93
CA ARG A 880 -15.05 13.21 40.51
C ARG A 880 -15.11 13.00 42.01
N SER A 881 -14.42 11.99 42.54
CA SER A 881 -14.40 11.68 43.97
C SER A 881 -15.79 11.39 44.53
N SER A 882 -16.73 11.00 43.67
CA SER A 882 -18.08 10.69 44.07
C SER A 882 -18.29 9.19 44.31
N GLY A 883 -17.24 8.38 44.20
CA GLY A 883 -17.36 6.95 44.36
C GLY A 883 -17.81 6.20 43.12
N PHE A 884 -18.07 6.90 42.02
CA PHE A 884 -18.52 6.28 40.78
C PHE A 884 -17.42 6.39 39.74
N CYS A 885 -16.98 5.25 39.21
CA CYS A 885 -15.95 5.22 38.18
C CYS A 885 -16.60 5.08 36.82
N THR A 886 -16.37 6.06 35.94
CA THR A 886 -16.97 6.02 34.61
C THR A 886 -16.46 4.83 33.81
N SER A 887 -15.17 4.53 33.91
CA SER A 887 -14.63 3.37 33.21
C SER A 887 -15.23 2.07 33.74
N CYS A 888 -15.45 1.99 35.05
CA CYS A 888 -16.11 0.82 35.61
C CYS A 888 -17.53 0.67 35.07
N LYS A 889 -18.26 1.79 34.95
CA LYS A 889 -19.59 1.76 34.37
C LYS A 889 -19.55 1.30 32.91
N ILE A 890 -18.57 1.77 32.16
CA ILE A 890 -18.42 1.35 30.76
C ILE A 890 -18.15 -0.15 30.69
N ARG A 891 -17.27 -0.66 31.56
CA ARG A 891 -16.97 -2.08 31.57
C ARG A 891 -18.21 -2.90 31.94
N GLU A 892 -18.98 -2.43 32.91
CA GLU A 892 -20.21 -3.14 33.29
C GLU A 892 -21.22 -3.14 32.14
N ASP A 893 -21.34 -2.02 31.44
CA ASP A 893 -22.23 -1.95 30.30
C ASP A 893 -21.79 -2.93 29.21
N GLU A 894 -20.49 -2.99 28.95
CA GLU A 894 -19.97 -3.94 27.97
C GLU A 894 -20.22 -5.37 28.39
N GLU A 895 -20.09 -5.65 29.69
CA GLU A 895 -20.40 -6.99 30.20
C GLU A 895 -21.87 -7.33 29.98
N LYS A 896 -22.76 -6.36 30.21
CA LYS A 896 -24.18 -6.57 29.92
C LYS A 896 -24.41 -6.86 28.45
N ARG A 897 -23.53 -6.39 27.58
CA ARG A 897 -23.63 -6.64 26.15
C ARG A 897 -22.93 -7.96 25.79
N SER A 898 -23.28 -9.01 26.54
CA SER A 898 -22.76 -10.34 26.26
C SER A 898 -23.76 -11.45 26.53
N THR A 899 -25.00 -11.13 26.90
CA THR A 899 -25.99 -12.12 27.30
C THR A 899 -27.14 -12.13 26.32
N ILE A 900 -27.59 -13.33 25.96
CA ILE A 900 -28.75 -13.51 25.08
C ILE A 900 -29.97 -13.53 25.98
N LYS A 901 -30.50 -12.34 26.27
CA LYS A 901 -31.63 -12.19 27.19
C LYS A 901 -32.91 -11.95 26.41
N LEU A 902 -34.00 -12.57 26.87
CA LEU A 902 -35.30 -12.43 26.26
C LEU A 902 -36.15 -11.50 27.12
N ASN A 903 -36.78 -10.51 26.47
CA ASN A 903 -37.54 -9.52 27.21
C ASN A 903 -38.81 -10.13 27.79
N VAL A 904 -39.42 -9.40 28.74
CA VAL A 904 -40.59 -9.90 29.43
C VAL A 904 -41.79 -10.05 28.50
N SER A 905 -41.80 -9.38 27.36
CA SER A 905 -42.91 -9.47 26.42
C SER A 905 -42.93 -10.78 25.65
N LYS A 906 -41.86 -11.57 25.72
CA LYS A 906 -41.75 -12.84 25.00
C LYS A 906 -41.93 -12.65 23.49
N THR A 907 -41.53 -11.49 22.99
CA THR A 907 -41.63 -11.21 21.56
C THR A 907 -40.34 -10.59 21.01
N GLY A 908 -39.23 -10.70 21.72
CA GLY A 908 -37.99 -10.11 21.25
C GLY A 908 -36.84 -10.51 22.17
N PHE A 909 -35.66 -10.01 21.83
CA PHE A 909 -34.46 -10.32 22.60
C PHE A 909 -33.40 -9.26 22.30
N PHE A 910 -32.27 -9.38 22.99
CA PHE A 910 -31.13 -8.49 22.80
C PHE A 910 -29.89 -9.33 22.52
N ILE A 911 -29.15 -8.95 21.49
CA ILE A 911 -27.86 -9.58 21.19
C ILE A 911 -26.90 -8.51 20.68
N ASN A 912 -25.70 -8.47 21.26
CA ASN A 912 -24.68 -7.48 20.92
C ASN A 912 -25.22 -6.06 21.06
N GLY A 913 -26.07 -5.86 22.07
CA GLY A 913 -26.65 -4.55 22.29
C GLY A 913 -27.63 -4.12 21.23
N ILE A 914 -28.15 -5.07 20.44
CA ILE A 914 -29.12 -4.79 19.39
C ILE A 914 -30.42 -5.49 19.76
N GLU A 915 -31.52 -4.77 19.67
CA GLU A 915 -32.84 -5.28 20.04
C GLU A 915 -33.53 -5.86 18.81
N TYR A 916 -33.86 -7.13 18.87
CA TYR A 916 -34.60 -7.82 17.81
C TYR A 916 -36.02 -8.08 18.29
N SER A 917 -36.98 -7.85 17.39
CA SER A 917 -38.39 -8.02 17.71
C SER A 917 -39.08 -8.76 16.57
N VAL A 918 -40.34 -9.14 16.81
CA VAL A 918 -41.11 -9.87 15.81
C VAL A 918 -41.34 -8.97 14.60
N GLU A 919 -41.36 -9.60 13.42
CA GLU A 919 -41.59 -8.96 12.11
C GLU A 919 -40.43 -8.10 11.66
N ASP A 920 -39.31 -8.10 12.38
CA ASP A 920 -38.15 -7.33 11.99
C ASP A 920 -37.42 -8.01 10.84
N PHE A 921 -36.47 -7.28 10.26
CA PHE A 921 -35.64 -7.80 9.18
C PHE A 921 -34.20 -7.89 9.67
N VAL A 922 -33.59 -9.07 9.48
CA VAL A 922 -32.32 -9.41 10.08
C VAL A 922 -31.36 -9.92 9.01
N TYR A 923 -30.07 -9.89 9.34
CA TYR A 923 -29.02 -10.46 8.52
C TYR A 923 -28.59 -11.79 9.11
N VAL A 924 -28.42 -12.80 8.26
CA VAL A 924 -27.93 -14.11 8.67
C VAL A 924 -26.72 -14.45 7.82
N ASN A 925 -25.68 -14.97 8.47
CA ASN A 925 -24.50 -15.39 7.75
C ASN A 925 -24.86 -16.44 6.71
N PRO A 926 -24.34 -16.33 5.48
CA PRO A 926 -24.70 -17.31 4.45
C PRO A 926 -24.35 -18.74 4.82
N ASP A 927 -23.27 -18.95 5.57
CA ASP A 927 -22.91 -20.29 6.02
C ASP A 927 -23.82 -20.76 7.16
N SER A 928 -24.33 -19.84 7.97
CA SER A 928 -25.18 -20.21 9.10
C SER A 928 -26.52 -20.78 8.64
N ILE A 929 -26.97 -20.45 7.43
CA ILE A 929 -28.26 -20.93 6.95
C ILE A 929 -28.17 -22.43 6.73
N GLY A 930 -29.12 -23.16 7.29
CA GLY A 930 -29.16 -24.61 7.16
C GLY A 930 -29.77 -25.31 8.36
N PHE A 940 -7.68 -17.86 -7.73
CA PHE A 940 -6.85 -17.01 -8.56
C PHE A 940 -6.70 -15.62 -7.94
N LYS A 941 -5.71 -14.86 -8.43
CA LYS A 941 -5.48 -13.52 -7.91
C LYS A 941 -6.65 -12.60 -8.22
N SER A 942 -7.15 -12.65 -9.45
CA SER A 942 -8.29 -11.82 -9.82
C SER A 942 -9.59 -12.39 -9.28
N GLY A 943 -9.69 -13.71 -9.17
CA GLY A 943 -10.91 -14.34 -8.68
C GLY A 943 -10.98 -14.40 -7.18
N ARG A 944 -10.79 -13.27 -6.51
CA ARG A 944 -10.85 -13.23 -5.05
C ARG A 944 -12.29 -13.33 -4.57
N ASN A 945 -13.16 -12.45 -5.05
CA ASN A 945 -14.58 -12.49 -4.71
C ASN A 945 -15.38 -13.20 -5.80
N ILE A 946 -15.10 -14.49 -5.95
CA ILE A 946 -15.74 -15.30 -6.99
C ILE A 946 -16.76 -16.25 -6.39
N GLY A 947 -16.60 -16.57 -5.12
CA GLY A 947 -17.52 -17.49 -4.46
C GLY A 947 -17.98 -17.02 -3.11
N LEU A 948 -17.95 -15.71 -2.89
CA LEU A 948 -18.34 -15.12 -1.62
C LEU A 948 -19.75 -14.57 -1.72
N ARG A 949 -20.59 -14.92 -0.74
CA ARG A 949 -21.99 -14.51 -0.72
C ARG A 949 -22.21 -13.44 0.33
N ALA A 950 -23.15 -12.55 0.07
CA ALA A 950 -23.47 -11.47 0.98
C ALA A 950 -24.38 -11.97 2.10
N TYR A 951 -24.78 -11.06 2.98
CA TYR A 951 -25.70 -11.40 4.05
C TYR A 951 -27.01 -11.93 3.49
N VAL A 952 -27.52 -13.00 4.10
CA VAL A 952 -28.83 -13.53 3.74
C VAL A 952 -29.86 -12.74 4.54
N VAL A 953 -30.68 -11.96 3.86
CA VAL A 953 -31.70 -11.17 4.53
C VAL A 953 -32.88 -12.07 4.87
N CYS A 954 -33.41 -11.92 6.09
CA CYS A 954 -34.52 -12.74 6.54
C CYS A 954 -35.49 -11.89 7.34
N GLN A 955 -36.71 -12.38 7.47
CA GLN A 955 -37.73 -11.76 8.30
C GLN A 955 -38.02 -12.69 9.47
N LEU A 956 -37.75 -12.22 10.69
CA LEU A 956 -37.91 -13.04 11.87
C LEU A 956 -39.39 -13.10 12.23
N LEU A 957 -39.97 -14.29 12.20
CA LEU A 957 -41.40 -14.48 12.38
C LEU A 957 -41.76 -14.80 13.83
N GLU A 958 -41.24 -15.91 14.36
CA GLU A 958 -41.61 -16.38 15.67
C GLU A 958 -40.37 -16.78 16.45
N ILE A 959 -40.43 -16.62 17.77
CA ILE A 959 -39.38 -17.02 18.69
C ILE A 959 -39.87 -18.28 19.39
N VAL A 960 -39.39 -19.45 18.95
CA VAL A 960 -39.79 -20.74 19.51
C VAL A 960 -38.75 -21.16 20.54
N PRO A 961 -39.13 -21.36 21.79
CA PRO A 961 -38.16 -21.85 22.78
C PRO A 961 -37.73 -23.27 22.50
N LYS A 962 -36.51 -23.59 22.90
CA LYS A 962 -35.97 -24.93 22.70
C LYS A 962 -35.77 -25.63 24.04
N SER A 971 -31.27 -20.38 24.86
CA SER A 971 -32.37 -21.15 25.41
C SER A 971 -33.60 -21.09 24.49
N PHE A 972 -33.44 -20.44 23.34
CA PHE A 972 -34.52 -20.33 22.37
C PHE A 972 -33.92 -20.22 20.97
N ASP A 973 -34.76 -20.53 19.98
CA ASP A 973 -34.38 -20.43 18.58
C ASP A 973 -35.41 -19.58 17.84
N VAL A 974 -34.97 -18.95 16.76
CA VAL A 974 -35.80 -18.02 16.01
C VAL A 974 -36.13 -18.62 14.65
N LYS A 975 -37.40 -18.57 14.27
CA LYS A 975 -37.83 -18.98 12.95
C LYS A 975 -37.83 -17.76 12.04
N VAL A 976 -37.23 -17.88 10.87
CA VAL A 976 -37.06 -16.77 9.95
C VAL A 976 -37.49 -17.19 8.55
N ARG A 977 -38.30 -16.35 7.91
CA ARG A 977 -38.59 -16.50 6.49
C ARG A 977 -37.45 -15.92 5.68
N ARG A 978 -37.12 -16.57 4.57
CA ARG A 978 -35.91 -16.26 3.82
C ARG A 978 -36.19 -15.31 2.67
N PHE A 979 -35.25 -14.41 2.40
CA PHE A 979 -35.24 -13.56 1.22
C PHE A 979 -34.10 -13.98 0.30
N TYR A 980 -34.37 -13.93 -1.00
CA TYR A 980 -33.41 -14.39 -2.01
C TYR A 980 -32.83 -13.20 -2.74
N ARG A 981 -31.50 -13.11 -2.75
CA ARG A 981 -30.79 -12.06 -3.47
C ARG A 981 -30.76 -12.36 -4.96
N PRO A 982 -30.58 -11.34 -5.80
CA PRO A 982 -30.54 -11.59 -7.26
C PRO A 982 -29.44 -12.55 -7.68
N GLU A 983 -28.29 -12.53 -7.01
CA GLU A 983 -27.21 -13.43 -7.37
C GLU A 983 -27.53 -14.89 -7.10
N ASP A 984 -28.56 -15.17 -6.31
CA ASP A 984 -28.95 -16.56 -6.07
C ASP A 984 -29.56 -17.18 -7.33
N VAL A 985 -30.26 -16.37 -8.14
CA VAL A 985 -30.87 -16.89 -9.35
C VAL A 985 -29.81 -17.20 -10.41
N SER A 986 -29.04 -16.18 -10.80
CA SER A 986 -28.00 -16.35 -11.79
C SER A 986 -27.08 -15.13 -11.74
N ALA A 987 -25.87 -15.30 -12.26
CA ALA A 987 -24.92 -14.19 -12.30
C ALA A 987 -25.42 -13.07 -13.22
N GLU A 988 -26.03 -13.44 -14.34
CA GLU A 988 -26.53 -12.43 -15.27
C GLU A 988 -27.61 -11.59 -14.61
N LYS A 989 -28.51 -12.22 -13.85
CA LYS A 989 -29.54 -11.48 -13.14
C LYS A 989 -28.94 -10.52 -12.13
N ALA A 990 -27.89 -10.96 -11.42
CA ALA A 990 -27.20 -10.06 -10.50
C ALA A 990 -26.53 -8.92 -11.23
N TYR A 991 -26.12 -9.14 -12.48
CA TYR A 991 -25.50 -8.08 -13.27
C TYR A 991 -26.51 -6.98 -13.58
N ALA A 992 -27.60 -7.34 -14.25
CA ALA A 992 -28.60 -6.36 -14.70
C ALA A 992 -29.70 -6.17 -13.67
N SER A 993 -29.34 -5.85 -12.43
CA SER A 993 -30.32 -5.60 -11.39
C SER A 993 -29.70 -4.69 -10.33
N ASP A 994 -30.58 -4.07 -9.54
CA ASP A 994 -30.13 -3.15 -8.51
C ASP A 994 -29.41 -3.90 -7.39
N ILE A 995 -28.55 -3.16 -6.69
CA ILE A 995 -27.81 -3.74 -5.57
C ILE A 995 -28.75 -4.03 -4.41
N GLN A 996 -29.72 -3.16 -4.17
CA GLN A 996 -30.60 -3.24 -3.01
C GLN A 996 -31.91 -3.98 -3.29
N GLU A 997 -31.91 -4.90 -4.25
CA GLU A 997 -33.13 -5.63 -4.62
C GLU A 997 -33.18 -6.98 -3.92
N LEU A 998 -34.35 -7.33 -3.40
CA LEU A 998 -34.57 -8.60 -2.74
C LEU A 998 -35.79 -9.29 -3.36
N TYR A 999 -35.76 -10.62 -3.36
CA TYR A 999 -36.87 -11.43 -3.86
C TYR A 999 -37.58 -12.08 -2.70
N PHE A 1000 -38.91 -11.94 -2.65
CA PHE A 1000 -39.70 -12.57 -1.61
C PHE A 1000 -39.76 -14.08 -1.84
N SER A 1001 -39.94 -14.82 -0.75
CA SER A 1001 -40.02 -16.28 -0.81
C SER A 1001 -40.74 -16.78 0.42
N GLN A 1002 -41.03 -18.08 0.43
CA GLN A 1002 -41.76 -18.73 1.51
C GLN A 1002 -40.94 -19.87 2.12
N ASP A 1003 -39.65 -19.64 2.33
CA ASP A 1003 -38.77 -20.61 2.96
C ASP A 1003 -38.51 -20.18 4.40
N THR A 1004 -38.91 -21.00 5.36
CA THR A 1004 -38.75 -20.70 6.78
C THR A 1004 -37.75 -21.70 7.38
N VAL A 1005 -36.75 -21.17 8.07
CA VAL A 1005 -35.73 -21.99 8.70
C VAL A 1005 -35.57 -21.55 10.16
N VAL A 1006 -35.12 -22.48 10.99
CA VAL A 1006 -34.93 -22.25 12.42
C VAL A 1006 -33.44 -22.09 12.69
N LEU A 1007 -33.09 -21.00 13.37
CA LEU A 1007 -31.68 -20.70 13.63
C LEU A 1007 -31.47 -20.35 15.09
N PRO A 1008 -30.27 -20.58 15.61
CA PRO A 1008 -29.93 -20.05 16.93
C PRO A 1008 -29.87 -18.55 16.90
N PRO A 1009 -30.15 -17.88 18.02
CA PRO A 1009 -30.14 -16.41 18.02
C PRO A 1009 -28.76 -15.82 17.77
N GLY A 1010 -27.70 -16.60 17.89
CA GLY A 1010 -26.35 -16.11 17.69
C GLY A 1010 -25.92 -16.00 16.23
N ALA A 1011 -26.81 -16.31 15.29
CA ALA A 1011 -26.50 -16.23 13.87
C ALA A 1011 -27.15 -15.01 13.21
N LEU A 1012 -27.42 -13.97 13.99
CA LEU A 1012 -27.99 -12.73 13.49
C LEU A 1012 -26.95 -11.63 13.60
N GLU A 1013 -26.71 -10.93 12.48
CA GLU A 1013 -25.63 -9.96 12.41
C GLU A 1013 -26.08 -8.52 12.56
N GLY A 1014 -27.33 -8.21 12.23
CA GLY A 1014 -27.79 -6.83 12.34
C GLY A 1014 -29.23 -6.72 11.87
N LYS A 1015 -29.69 -5.47 11.82
CA LYS A 1015 -31.05 -5.15 11.41
C LYS A 1015 -31.02 -4.25 10.19
N CYS A 1016 -31.99 -4.43 9.30
CA CYS A 1016 -32.13 -3.60 8.11
C CYS A 1016 -33.60 -3.27 7.93
N GLU A 1017 -33.92 -2.67 6.79
CA GLU A 1017 -35.28 -2.32 6.43
C GLU A 1017 -35.57 -2.82 5.02
N VAL A 1018 -36.82 -3.22 4.80
CA VAL A 1018 -37.27 -3.69 3.49
C VAL A 1018 -38.55 -2.97 3.13
N ARG A 1019 -38.55 -2.28 1.99
CA ARG A 1019 -39.71 -1.53 1.54
C ARG A 1019 -40.06 -1.93 0.11
N LYS A 1020 -40.95 -1.16 -0.52
CA LYS A 1020 -41.29 -1.34 -1.92
C LYS A 1020 -40.56 -0.30 -2.76
N LYS A 1021 -40.72 -0.41 -4.08
CA LYS A 1021 -40.06 0.53 -4.98
C LYS A 1021 -40.56 1.95 -4.79
N SER A 1022 -41.82 2.12 -4.39
CA SER A 1022 -42.39 3.45 -4.26
C SER A 1022 -41.82 4.22 -3.08
N ASP A 1023 -41.49 3.53 -1.98
CA ASP A 1023 -41.06 4.18 -0.75
C ASP A 1023 -39.55 4.28 -0.62
N MET A 1024 -38.80 3.89 -1.65
CA MET A 1024 -37.35 3.95 -1.58
C MET A 1024 -36.87 5.40 -1.51
N PRO A 1025 -35.76 5.66 -0.83
CA PRO A 1025 -35.29 7.03 -0.68
C PRO A 1025 -34.92 7.66 -2.02
N LEU A 1026 -35.16 8.97 -2.12
CA LEU A 1026 -34.87 9.68 -3.37
C LEU A 1026 -33.37 9.89 -3.56
N SER A 1027 -32.67 10.26 -2.50
CA SER A 1027 -31.24 10.52 -2.60
C SER A 1027 -30.48 9.20 -2.71
N ARG A 1028 -29.56 9.12 -3.68
CA ARG A 1028 -28.78 7.91 -3.94
C ARG A 1028 -27.30 8.26 -3.94
N GLU A 1029 -26.68 8.23 -2.76
CA GLU A 1029 -25.23 8.31 -2.69
C GLU A 1029 -24.61 7.03 -3.24
N TYR A 1030 -23.46 7.17 -3.92
CA TYR A 1030 -22.85 5.99 -4.51
C TYR A 1030 -22.37 5.01 -3.44
N PRO A 1031 -21.48 5.39 -2.49
CA PRO A 1031 -21.20 4.46 -1.39
C PRO A 1031 -22.39 4.41 -0.46
N ILE A 1032 -23.16 3.32 -0.54
CA ILE A 1032 -24.44 3.26 0.16
C ILE A 1032 -24.19 3.00 1.65
N SER A 1033 -24.66 3.92 2.47
CA SER A 1033 -24.56 3.80 3.92
C SER A 1033 -25.89 3.52 4.58
N ASP A 1034 -26.92 3.21 3.79
CA ASP A 1034 -28.26 2.93 4.30
C ASP A 1034 -28.53 1.43 4.21
N HIS A 1035 -28.97 0.84 5.32
CA HIS A 1035 -29.36 -0.56 5.35
C HIS A 1035 -30.81 -0.72 4.91
N ILE A 1036 -31.07 -0.34 3.67
CA ILE A 1036 -32.42 -0.33 3.11
C ILE A 1036 -32.43 -1.16 1.83
N PHE A 1037 -33.39 -2.07 1.72
CA PHE A 1037 -33.59 -2.87 0.54
C PHE A 1037 -35.03 -2.70 0.07
N PHE A 1038 -35.27 -3.05 -1.20
CA PHE A 1038 -36.62 -3.02 -1.74
C PHE A 1038 -36.95 -4.39 -2.33
N CYS A 1039 -38.20 -4.81 -2.16
CA CYS A 1039 -38.67 -6.10 -2.64
C CYS A 1039 -39.92 -5.90 -3.47
N ASP A 1040 -39.92 -6.45 -4.68
CA ASP A 1040 -41.06 -6.28 -5.58
C ASP A 1040 -41.49 -7.61 -6.20
N LEU A 1041 -40.56 -8.56 -6.30
CA LEU A 1041 -40.79 -9.81 -7.00
C LEU A 1041 -40.83 -10.98 -6.04
N PHE A 1042 -41.37 -12.10 -6.52
CA PHE A 1042 -41.46 -13.34 -5.77
C PHE A 1042 -40.63 -14.39 -6.49
N PHE A 1043 -39.78 -15.08 -5.74
CA PHE A 1043 -38.91 -16.13 -6.25
C PHE A 1043 -39.39 -17.48 -5.72
N ASP A 1044 -39.72 -18.40 -6.63
CA ASP A 1044 -40.15 -19.73 -6.27
C ASP A 1044 -38.99 -20.70 -6.49
N THR A 1045 -38.53 -21.31 -5.39
CA THR A 1045 -37.38 -22.21 -5.46
C THR A 1045 -37.72 -23.48 -6.24
N SER A 1046 -38.99 -23.87 -6.28
CA SER A 1046 -39.37 -25.09 -6.97
C SER A 1046 -39.10 -25.00 -8.47
N LYS A 1047 -39.41 -23.86 -9.08
CA LYS A 1047 -39.22 -23.67 -10.51
C LYS A 1047 -38.15 -22.65 -10.87
N GLY A 1048 -37.72 -21.83 -9.92
CA GLY A 1048 -36.73 -20.81 -10.23
C GLY A 1048 -37.25 -19.69 -11.10
N SER A 1049 -38.55 -19.43 -11.07
CA SER A 1049 -39.18 -18.42 -11.90
C SER A 1049 -39.56 -17.21 -11.06
N LEU A 1050 -39.18 -16.04 -11.51
CA LEU A 1050 -39.53 -14.78 -10.84
C LEU A 1050 -40.89 -14.31 -11.34
N LYS A 1051 -41.79 -14.01 -10.40
CA LYS A 1051 -43.11 -13.54 -10.76
C LYS A 1051 -43.46 -12.29 -9.95
N GLN A 1052 -44.58 -11.67 -10.31
CA GLN A 1052 -45.05 -10.51 -9.57
C GLN A 1052 -45.58 -10.93 -8.21
N LEU A 1053 -45.49 -10.02 -7.25
CA LEU A 1053 -45.94 -10.30 -5.90
C LEU A 1053 -47.46 -10.33 -5.85
N PRO A 1054 -48.08 -11.45 -5.47
CA PRO A 1054 -49.53 -11.45 -5.30
C PRO A 1054 -49.95 -10.60 -4.12
N ALA A 1055 -51.17 -10.05 -4.21
CA ALA A 1055 -51.70 -9.18 -3.17
C ALA A 1055 -52.48 -9.95 -2.10
N ASN A 1056 -52.55 -11.27 -2.19
CA ASN A 1056 -53.34 -12.03 -1.23
C ASN A 1056 -52.74 -11.98 0.18
N MET A 1057 -51.42 -12.02 0.29
CA MET A 1057 -50.79 -12.02 1.61
C MET A 1057 -50.41 -10.62 2.06
N LYS A 1058 -50.04 -9.72 1.14
CA LYS A 1058 -49.64 -8.35 1.45
C LYS A 1058 -48.56 -8.34 2.53
N PRO A 1059 -47.32 -8.70 2.18
CA PRO A 1059 -46.27 -8.78 3.21
C PRO A 1059 -46.07 -7.46 3.91
N LYS A 1060 -45.82 -7.54 5.22
CA LYS A 1060 -45.72 -6.37 6.08
C LYS A 1060 -44.31 -5.78 5.94
N PHE A 1061 -44.15 -4.91 4.94
CA PHE A 1061 -42.88 -4.25 4.71
C PHE A 1061 -42.69 -3.09 5.68
N SER A 1062 -41.46 -2.58 5.74
CA SER A 1062 -41.15 -1.46 6.61
C SER A 1062 -41.88 -0.21 6.15
N THR A 1063 -42.37 0.56 7.11
CA THR A 1063 -43.11 1.78 6.84
C THR A 1063 -42.30 3.00 7.27
N ILE A 1064 -42.46 4.09 6.52
CA ILE A 1064 -41.73 5.31 6.82
C ILE A 1064 -42.14 5.86 8.19
N LYS A 1065 -43.44 5.88 8.46
CA LYS A 1065 -43.99 6.37 9.73
C LYS A 1065 -43.53 7.79 10.03
N LYS A 1094 -25.08 24.77 10.98
CA LYS A 1094 -24.76 24.11 9.72
C LYS A 1094 -23.54 24.77 9.08
N GLU A 1095 -23.54 24.84 7.75
CA GLU A 1095 -22.44 25.37 6.94
C GLU A 1095 -21.08 24.99 7.53
N ILE A 1096 -20.88 23.69 7.65
CA ILE A 1096 -19.73 23.15 8.35
C ILE A 1096 -18.57 22.90 7.40
N ARG A 1097 -18.69 23.38 6.16
CA ARG A 1097 -17.62 23.21 5.18
C ARG A 1097 -16.35 23.91 5.66
N LEU A 1098 -15.24 23.20 5.62
CA LEU A 1098 -13.96 23.68 6.16
C LEU A 1098 -13.06 24.13 5.02
N ALA A 1099 -12.45 25.30 5.18
CA ALA A 1099 -11.40 25.73 4.26
C ALA A 1099 -10.27 24.70 4.30
N THR A 1100 -9.84 24.26 3.12
CA THR A 1100 -9.00 23.08 3.01
C THR A 1100 -7.70 23.39 2.27
N LEU A 1101 -6.60 22.92 2.82
CA LEU A 1101 -5.30 22.89 2.14
C LEU A 1101 -4.96 21.43 1.89
N ASP A 1102 -4.78 21.08 0.62
CA ASP A 1102 -4.55 19.70 0.19
C ASP A 1102 -3.13 19.60 -0.32
N ILE A 1103 -2.25 19.05 0.51
CA ILE A 1103 -0.85 18.85 0.14
C ILE A 1103 -0.72 17.52 -0.57
N PHE A 1104 0.12 17.48 -1.61
CA PHE A 1104 0.29 16.29 -2.45
C PHE A 1104 -1.06 15.83 -3.02
N ALA A 1105 -1.80 16.80 -3.57
CA ALA A 1105 -3.18 16.53 -3.99
C ALA A 1105 -3.23 15.51 -5.12
N GLY A 1106 -2.32 15.62 -6.10
CA GLY A 1106 -2.43 14.75 -7.26
C GLY A 1106 -3.60 15.17 -8.14
N CYS A 1107 -4.21 14.19 -8.79
CA CYS A 1107 -5.36 14.46 -9.64
C CYS A 1107 -6.58 14.90 -8.85
N GLY A 1108 -6.57 14.71 -7.53
CA GLY A 1108 -7.65 15.20 -6.69
C GLY A 1108 -8.75 14.18 -6.42
N GLY A 1109 -8.37 12.98 -6.02
CA GLY A 1109 -9.35 11.98 -5.63
C GLY A 1109 -9.86 12.21 -4.23
N LEU A 1110 -8.95 12.38 -3.28
CA LEU A 1110 -9.33 12.64 -1.91
C LEU A 1110 -10.08 13.96 -1.79
N SER A 1111 -9.60 14.99 -2.49
CA SER A 1111 -10.27 16.29 -2.44
C SER A 1111 -11.68 16.21 -3.02
N HIS A 1112 -11.84 15.51 -4.15
CA HIS A 1112 -13.17 15.36 -4.74
C HIS A 1112 -14.09 14.58 -3.82
N GLY A 1113 -13.59 13.52 -3.21
CA GLY A 1113 -14.41 12.75 -2.29
C GLY A 1113 -14.84 13.55 -1.08
N LEU A 1114 -13.92 14.34 -0.52
CA LEU A 1114 -14.25 15.13 0.65
C LEU A 1114 -15.17 16.29 0.31
N LYS A 1115 -15.07 16.83 -0.91
CA LYS A 1115 -15.96 17.91 -1.31
C LYS A 1115 -17.35 17.41 -1.63
N LYS A 1116 -17.46 16.20 -2.20
CA LYS A 1116 -18.77 15.63 -2.46
C LYS A 1116 -19.53 15.35 -1.17
N ALA A 1117 -18.82 15.13 -0.08
CA ALA A 1117 -19.44 14.88 1.22
C ALA A 1117 -19.83 16.15 1.95
N GLY A 1118 -19.56 17.32 1.36
CA GLY A 1118 -19.91 18.58 2.00
C GLY A 1118 -19.12 18.87 3.26
N VAL A 1119 -17.83 18.55 3.28
CA VAL A 1119 -16.98 18.84 4.43
C VAL A 1119 -15.68 19.53 4.06
N SER A 1120 -15.28 19.56 2.79
CA SER A 1120 -14.04 20.18 2.38
C SER A 1120 -14.30 21.16 1.25
N ASP A 1121 -13.46 22.20 1.19
CA ASP A 1121 -13.56 23.20 0.14
C ASP A 1121 -12.47 23.09 -0.92
N ALA A 1122 -11.33 22.46 -0.59
CA ALA A 1122 -10.19 22.35 -1.49
C ALA A 1122 -9.77 23.72 -2.02
N LYS A 1123 -9.81 24.72 -1.14
CA LYS A 1123 -9.49 26.08 -1.56
C LYS A 1123 -8.02 26.20 -1.98
N TRP A 1124 -7.12 25.53 -1.26
CA TRP A 1124 -5.70 25.54 -1.59
C TRP A 1124 -5.23 24.13 -1.84
N ALA A 1125 -4.37 23.96 -2.85
CA ALA A 1125 -3.78 22.67 -3.14
C ALA A 1125 -2.31 22.88 -3.52
N ILE A 1126 -1.50 21.87 -3.22
CA ILE A 1126 -0.07 21.89 -3.50
C ILE A 1126 0.30 20.60 -4.19
N GLU A 1127 0.93 20.70 -5.35
CA GLU A 1127 1.31 19.50 -6.10
C GLU A 1127 2.56 19.76 -6.91
N TYR A 1128 3.55 18.88 -6.75
CA TYR A 1128 4.81 19.05 -7.46
C TYR A 1128 4.67 18.75 -8.95
N GLU A 1129 3.99 17.65 -9.29
CA GLU A 1129 3.90 17.23 -10.69
C GLU A 1129 3.03 18.19 -11.48
N GLU A 1130 3.54 18.63 -12.63
CA GLU A 1130 2.77 19.54 -13.49
C GLU A 1130 1.49 18.92 -14.02
N PRO A 1131 1.48 17.69 -14.57
CA PRO A 1131 0.20 17.13 -15.03
C PRO A 1131 -0.82 16.96 -13.92
N ALA A 1132 -0.40 16.59 -12.72
CA ALA A 1132 -1.34 16.42 -11.62
C ALA A 1132 -1.94 17.76 -11.21
N GLY A 1133 -1.12 18.81 -11.15
CA GLY A 1133 -1.65 20.14 -10.87
C GLY A 1133 -2.59 20.61 -11.95
N GLN A 1134 -2.28 20.32 -13.21
CA GLN A 1134 -3.18 20.67 -14.30
C GLN A 1134 -4.51 19.95 -14.18
N ALA A 1135 -4.48 18.67 -13.83
CA ALA A 1135 -5.72 17.92 -13.64
C ALA A 1135 -6.53 18.47 -12.47
N PHE A 1136 -5.86 18.81 -11.37
CA PHE A 1136 -6.56 19.39 -10.23
C PHE A 1136 -7.22 20.71 -10.59
N LYS A 1137 -6.51 21.56 -11.33
CA LYS A 1137 -7.10 22.83 -11.75
C LYS A 1137 -8.25 22.60 -12.72
N GLN A 1138 -8.14 21.56 -13.57
CA GLN A 1138 -9.21 21.25 -14.50
C GLN A 1138 -10.48 20.82 -13.77
N ASN A 1139 -10.34 19.96 -12.76
CA ASN A 1139 -11.51 19.39 -12.09
C ASN A 1139 -12.06 20.29 -10.99
N HIS A 1140 -11.24 21.18 -10.43
CA HIS A 1140 -11.66 22.08 -9.35
C HIS A 1140 -11.29 23.51 -9.75
N PRO A 1141 -12.13 24.16 -10.57
CA PRO A 1141 -11.80 25.51 -11.05
C PRO A 1141 -11.65 26.53 -9.95
N GLU A 1142 -12.41 26.42 -8.87
CA GLU A 1142 -12.37 27.41 -7.80
C GLU A 1142 -11.13 27.27 -6.91
N SER A 1143 -10.39 26.18 -7.04
CA SER A 1143 -9.23 25.96 -6.18
C SER A 1143 -8.08 26.88 -6.58
N THR A 1144 -7.13 27.02 -5.66
CA THR A 1144 -5.86 27.71 -5.91
C THR A 1144 -4.76 26.67 -5.82
N VAL A 1145 -4.18 26.32 -6.97
CA VAL A 1145 -3.24 25.22 -7.07
C VAL A 1145 -1.83 25.78 -7.20
N PHE A 1146 -0.93 25.32 -6.34
CA PHE A 1146 0.48 25.66 -6.39
C PHE A 1146 1.23 24.48 -6.98
N VAL A 1147 1.66 24.61 -8.23
CA VAL A 1147 2.46 23.57 -8.88
C VAL A 1147 3.91 23.89 -8.56
N ASP A 1148 4.35 23.46 -7.39
CA ASP A 1148 5.67 23.77 -6.89
C ASP A 1148 6.05 22.76 -5.81
N ASN A 1149 7.30 22.82 -5.38
CA ASN A 1149 7.78 21.94 -4.33
C ASN A 1149 7.07 22.25 -3.02
N CYS A 1150 6.79 21.20 -2.24
CA CYS A 1150 6.14 21.40 -0.95
C CYS A 1150 7.04 22.18 0.00
N ASN A 1151 8.34 21.86 0.02
CA ASN A 1151 9.27 22.56 0.90
C ASN A 1151 9.39 24.03 0.53
N VAL A 1152 9.45 24.33 -0.77
CA VAL A 1152 9.55 25.72 -1.21
C VAL A 1152 8.29 26.49 -0.82
N ILE A 1153 7.12 25.87 -0.99
CA ILE A 1153 5.88 26.54 -0.63
C ILE A 1153 5.81 26.79 0.87
N LEU A 1154 6.23 25.80 1.67
CA LEU A 1154 6.25 25.98 3.12
C LEU A 1154 7.20 27.10 3.52
N ARG A 1155 8.38 27.15 2.89
CA ARG A 1155 9.32 28.22 3.20
C ARG A 1155 8.76 29.58 2.83
N ALA A 1156 8.09 29.68 1.68
CA ALA A 1156 7.48 30.95 1.30
C ALA A 1156 6.38 31.36 2.28
N ILE A 1157 5.56 30.40 2.71
CA ILE A 1157 4.49 30.69 3.66
C ILE A 1157 5.07 31.19 4.97
N MET A 1158 6.10 30.50 5.47
CA MET A 1158 6.67 30.86 6.76
C MET A 1158 7.53 32.12 6.68
N GLU A 1159 8.00 32.49 5.49
CA GLU A 1159 8.66 33.78 5.32
C GLU A 1159 7.65 34.92 5.27
N LYS A 1160 6.50 34.69 4.62
CA LYS A 1160 5.48 35.72 4.56
C LYS A 1160 4.92 36.04 5.95
N GLY A 1161 4.74 35.01 6.77
CA GLY A 1161 4.19 35.22 8.10
C GLY A 1161 5.13 35.87 9.08
N GLY A 1162 6.41 35.97 8.76
CA GLY A 1162 7.36 36.63 9.62
C GLY A 1162 8.19 35.73 10.51
N ASP A 1163 8.05 34.41 10.37
CA ASP A 1163 8.78 33.45 11.19
C ASP A 1163 9.89 32.83 10.34
N GLN A 1164 11.09 33.41 10.43
CA GLN A 1164 12.26 32.87 9.74
C GLN A 1164 13.18 32.10 10.69
N ASP A 1165 13.27 32.50 11.95
CA ASP A 1165 14.08 31.78 12.92
C ASP A 1165 13.50 30.42 13.28
N ASP A 1166 12.24 30.16 12.90
CA ASP A 1166 11.60 28.87 13.13
C ASP A 1166 11.68 27.97 11.91
N CYS A 1167 12.50 28.30 10.93
CA CYS A 1167 12.60 27.57 9.68
C CYS A 1167 13.90 26.78 9.64
N VAL A 1168 13.80 25.50 9.29
CA VAL A 1168 14.96 24.65 9.06
C VAL A 1168 14.91 24.25 7.59
N SER A 1169 15.57 25.04 6.74
CA SER A 1169 15.51 24.82 5.30
C SER A 1169 16.89 25.05 4.69
N THR A 1170 17.13 24.39 3.56
CA THR A 1170 18.38 24.55 2.85
C THR A 1170 18.42 25.89 2.12
N THR A 1171 19.63 26.29 1.71
CA THR A 1171 19.78 27.54 0.97
C THR A 1171 19.12 27.46 -0.39
N GLU A 1172 19.11 26.29 -1.02
CA GLU A 1172 18.43 26.14 -2.30
C GLU A 1172 16.94 26.39 -2.17
N ALA A 1173 16.33 25.89 -1.09
CA ALA A 1173 14.92 26.17 -0.84
C ALA A 1173 14.68 27.65 -0.64
N ASN A 1174 15.59 28.33 0.06
CA ASN A 1174 15.45 29.77 0.25
C ASN A 1174 15.52 30.51 -1.08
N GLU A 1175 16.46 30.12 -1.95
CA GLU A 1175 16.58 30.76 -3.24
C GLU A 1175 15.34 30.52 -4.10
N LEU A 1176 14.80 29.30 -4.07
CA LEU A 1176 13.61 29.00 -4.87
C LEU A 1176 12.39 29.74 -4.33
N ALA A 1177 12.27 29.86 -3.01
CA ALA A 1177 11.14 30.56 -2.43
C ALA A 1177 11.21 32.06 -2.68
N ALA A 1178 12.42 32.63 -2.64
CA ALA A 1178 12.59 34.05 -2.94
C ALA A 1178 12.25 34.36 -4.39
N LYS A 1179 12.37 33.39 -5.29
CA LYS A 1179 12.00 33.58 -6.69
C LYS A 1179 10.57 33.12 -6.90
N LEU A 1180 9.65 34.00 -6.50
CA LEU A 1180 8.22 33.76 -6.61
C LEU A 1180 7.53 35.07 -6.97
N THR A 1181 6.52 34.98 -7.83
CA THR A 1181 5.77 36.17 -8.21
C THR A 1181 5.02 36.72 -7.00
N GLU A 1182 4.95 38.05 -6.91
CA GLU A 1182 4.25 38.68 -5.80
C GLU A 1182 2.77 38.31 -5.80
N GLU A 1183 2.18 38.10 -6.98
CA GLU A 1183 0.79 37.65 -7.04
C GLU A 1183 0.62 36.28 -6.39
N GLN A 1184 1.56 35.36 -6.65
CA GLN A 1184 1.49 34.04 -6.02
C GLN A 1184 1.64 34.15 -4.51
N LYS A 1185 2.60 34.96 -4.04
CA LYS A 1185 2.78 35.12 -2.60
C LYS A 1185 1.61 35.83 -1.95
N SER A 1186 0.83 36.60 -2.71
CA SER A 1186 -0.35 37.24 -2.15
C SER A 1186 -1.47 36.25 -1.86
N THR A 1187 -1.50 35.11 -2.54
CA THR A 1187 -2.53 34.11 -2.36
C THR A 1187 -2.09 32.93 -1.51
N LEU A 1188 -0.93 33.03 -0.87
CA LEU A 1188 -0.47 31.94 -0.03
C LEU A 1188 -1.31 31.85 1.24
N PRO A 1189 -1.52 30.64 1.75
CA PRO A 1189 -2.27 30.50 3.01
C PRO A 1189 -1.47 31.00 4.18
N LEU A 1190 -2.18 31.38 5.23
CA LEU A 1190 -1.61 31.83 6.49
C LEU A 1190 -2.34 31.16 7.63
N PRO A 1191 -1.71 31.05 8.81
CA PRO A 1191 -2.40 30.46 9.96
C PRO A 1191 -3.67 31.22 10.28
N GLY A 1192 -4.72 30.47 10.59
CA GLY A 1192 -6.03 31.02 10.86
C GLY A 1192 -6.99 30.96 9.67
N GLN A 1193 -6.46 30.80 8.46
CA GLN A 1193 -7.30 30.66 7.26
C GLN A 1193 -7.41 29.21 6.80
N VAL A 1194 -6.79 28.27 7.50
CA VAL A 1194 -6.84 26.86 7.15
C VAL A 1194 -7.43 26.09 8.33
N ASP A 1195 -8.44 25.27 8.06
CA ASP A 1195 -9.11 24.50 9.10
C ASP A 1195 -9.10 23.01 8.82
N PHE A 1196 -8.47 22.55 7.75
CA PHE A 1196 -8.46 21.13 7.42
C PHE A 1196 -7.29 20.89 6.47
N ILE A 1197 -6.31 20.11 6.90
CA ILE A 1197 -5.14 19.78 6.10
C ILE A 1197 -5.17 18.29 5.82
N ASN A 1198 -5.19 17.92 4.53
CA ASN A 1198 -5.25 16.52 4.15
C ASN A 1198 -4.32 16.29 2.98
N GLY A 1199 -3.91 15.04 2.82
CA GLY A 1199 -3.02 14.65 1.75
C GLY A 1199 -2.10 13.54 2.20
N GLY A 1200 -1.52 12.86 1.21
CA GLY A 1200 -0.64 11.74 1.48
C GLY A 1200 0.78 11.96 1.03
N PRO A 1201 1.69 12.06 1.99
CA PRO A 1201 3.11 12.25 1.66
C PRO A 1201 3.67 11.01 0.96
N PRO A 1202 4.57 11.19 0.00
CA PRO A 1202 5.22 10.05 -0.67
C PRO A 1202 6.43 9.54 0.11
N CYS A 1203 6.15 8.77 1.16
CA CYS A 1203 7.21 8.25 2.01
C CYS A 1203 8.01 7.18 1.25
N GLN A 1204 9.33 7.34 1.24
CA GLN A 1204 10.18 6.34 0.57
C GLN A 1204 10.21 5.04 1.36
N GLY A 1205 10.41 5.12 2.67
CA GLY A 1205 10.43 3.93 3.51
C GLY A 1205 11.57 3.01 3.14
N PHE A 1206 11.34 1.72 3.33
CA PHE A 1206 12.31 0.67 2.99
C PHE A 1206 13.66 0.89 3.66
N ASN A 1213 15.37 -1.32 6.57
CA ASN A 1213 16.55 -1.04 7.40
C ASN A 1213 16.37 0.25 8.18
N GLN A 1214 17.14 0.40 9.26
CA GLN A 1214 17.09 1.59 10.10
C GLN A 1214 17.96 2.66 9.46
N SER A 1215 17.36 3.49 8.62
CA SER A 1215 18.09 4.54 7.93
C SER A 1215 18.64 5.57 8.90
N SER A 1216 19.76 6.17 8.53
CA SER A 1216 20.42 7.15 9.38
C SER A 1216 19.71 8.49 9.28
N TRP A 1217 20.18 9.46 10.07
CA TRP A 1217 19.58 10.79 10.08
C TRP A 1217 19.72 11.47 8.72
N SER A 1218 20.88 11.33 8.08
CA SER A 1218 21.12 12.00 6.80
C SER A 1218 20.22 11.47 5.69
N LYS A 1219 19.61 10.30 5.86
CA LYS A 1219 18.70 9.75 4.87
C LYS A 1219 17.24 10.00 5.19
N VAL A 1220 16.86 9.97 6.48
CA VAL A 1220 15.49 10.27 6.86
C VAL A 1220 15.22 11.76 6.95
N GLN A 1221 16.26 12.59 6.86
CA GLN A 1221 16.08 14.04 6.90
C GLN A 1221 15.38 14.58 5.66
N CYS A 1222 15.40 13.82 4.56
CA CYS A 1222 14.87 14.30 3.29
C CYS A 1222 13.46 13.80 2.99
N GLU A 1223 12.82 13.10 3.93
CA GLU A 1223 11.49 12.57 3.68
C GLU A 1223 10.45 13.69 3.72
N MET A 1224 9.41 13.54 2.90
CA MET A 1224 8.36 14.54 2.80
C MET A 1224 7.39 14.52 3.97
N ILE A 1225 7.37 13.42 4.74
CA ILE A 1225 6.51 13.36 5.91
C ILE A 1225 6.90 14.44 6.92
N LEU A 1226 8.19 14.75 7.01
CA LEU A 1226 8.62 15.82 7.89
C LEU A 1226 8.04 17.16 7.46
N ALA A 1227 8.03 17.44 6.15
CA ALA A 1227 7.43 18.67 5.65
C ALA A 1227 5.92 18.68 5.91
N PHE A 1228 5.26 17.54 5.74
CA PHE A 1228 3.82 17.48 6.00
C PHE A 1228 3.52 17.77 7.47
N LEU A 1229 4.28 17.18 8.38
CA LEU A 1229 4.11 17.46 9.80
C LEU A 1229 4.44 18.89 10.14
N SER A 1230 5.43 19.49 9.46
CA SER A 1230 5.73 20.90 9.68
C SER A 1230 4.57 21.78 9.24
N PHE A 1231 3.93 21.43 8.11
CA PHE A 1231 2.72 22.12 7.70
C PHE A 1231 1.65 22.04 8.78
N ALA A 1232 1.43 20.83 9.30
CA ALA A 1232 0.41 20.64 10.34
C ALA A 1232 0.74 21.44 11.58
N ASP A 1233 2.02 21.53 11.94
CA ASP A 1233 2.42 22.25 13.14
C ASP A 1233 2.24 23.75 12.96
N TYR A 1234 2.71 24.29 11.83
CA TYR A 1234 2.63 25.74 11.62
C TYR A 1234 1.20 26.21 11.47
N PHE A 1235 0.37 25.48 10.71
CA PHE A 1235 -0.98 25.95 10.47
C PHE A 1235 -1.93 25.63 11.62
N ARG A 1236 -1.64 24.60 12.40
CA ARG A 1236 -2.52 24.13 13.45
C ARG A 1236 -3.97 23.95 12.97
N PRO A 1237 -4.21 23.12 11.97
CA PRO A 1237 -5.58 22.92 11.49
C PRO A 1237 -6.42 22.20 12.51
N ARG A 1238 -7.74 22.42 12.45
CA ARG A 1238 -8.65 21.73 13.34
C ARG A 1238 -8.66 20.23 13.08
N TYR A 1239 -8.54 19.83 11.82
CA TYR A 1239 -8.50 18.43 11.45
C TYR A 1239 -7.30 18.16 10.56
N PHE A 1240 -6.87 16.91 10.52
CA PHE A 1240 -5.67 16.52 9.79
C PHE A 1240 -5.83 15.06 9.38
N LEU A 1241 -5.95 14.82 8.09
CA LEU A 1241 -6.12 13.46 7.56
C LEU A 1241 -4.86 13.08 6.77
N LEU A 1242 -4.12 12.11 7.29
CA LEU A 1242 -2.92 11.60 6.63
C LEU A 1242 -3.26 10.26 6.00
N GLU A 1243 -2.85 10.07 4.75
CA GLU A 1243 -3.08 8.80 4.05
C GLU A 1243 -1.76 8.29 3.51
N ASN A 1244 -1.57 6.98 3.59
CA ASN A 1244 -0.35 6.36 3.07
C ASN A 1244 -0.64 4.92 2.72
N VAL A 1245 0.39 4.23 2.24
CA VAL A 1245 0.29 2.83 1.84
C VAL A 1245 0.10 1.96 3.08
N ARG A 1246 -0.26 0.70 2.87
CA ARG A 1246 -0.50 -0.20 4.00
C ARG A 1246 0.74 -0.39 4.84
N THR A 1247 1.91 -0.45 4.20
CA THR A 1247 3.17 -0.68 4.90
C THR A 1247 3.72 0.57 5.58
N PHE A 1248 2.90 1.62 5.71
CA PHE A 1248 3.36 2.81 6.42
C PHE A 1248 3.58 2.54 7.90
N VAL A 1249 2.90 1.55 8.47
CA VAL A 1249 2.99 1.26 9.89
C VAL A 1249 4.08 0.23 10.14
N SER A 1250 4.89 -0.05 9.12
CA SER A 1250 5.98 -1.01 9.27
C SER A 1250 7.28 -0.54 8.62
N PHE A 1251 7.34 0.69 8.11
CA PHE A 1251 8.57 1.20 7.55
C PHE A 1251 9.61 1.42 8.64
N ASN A 1252 10.85 1.04 8.35
CA ASN A 1252 11.98 1.25 9.26
C ASN A 1252 11.71 0.66 10.65
N LYS A 1253 11.31 -0.61 10.66
CA LYS A 1253 10.94 -1.31 11.88
C LYS A 1253 9.80 -0.60 12.61
N GLY A 1254 8.94 0.08 11.85
CA GLY A 1254 7.83 0.81 12.45
C GLY A 1254 8.21 2.08 13.15
N GLN A 1255 9.41 2.61 12.92
CA GLN A 1255 9.83 3.84 13.59
C GLN A 1255 9.14 5.06 13.01
N THR A 1256 8.84 5.05 11.71
CA THR A 1256 8.18 6.20 11.10
C THR A 1256 6.78 6.41 11.67
N PHE A 1257 6.03 5.33 11.84
CA PHE A 1257 4.69 5.44 12.41
C PHE A 1257 4.73 5.97 13.83
N GLN A 1258 5.63 5.42 14.65
CA GLN A 1258 5.76 5.87 16.03
C GLN A 1258 6.18 7.34 16.08
N LEU A 1259 7.10 7.75 15.22
CA LEU A 1259 7.56 9.13 15.22
C LEU A 1259 6.45 10.08 14.76
N THR A 1260 5.65 9.66 13.77
CA THR A 1260 4.53 10.49 13.34
C THR A 1260 3.52 10.66 14.46
N LEU A 1261 3.19 9.57 15.15
CA LEU A 1261 2.27 9.67 16.28
C LEU A 1261 2.84 10.53 17.38
N ALA A 1262 4.15 10.41 17.65
CA ALA A 1262 4.78 11.20 18.69
C ALA A 1262 4.76 12.68 18.35
N SER A 1263 5.02 13.03 17.09
CA SER A 1263 4.97 14.43 16.68
C SER A 1263 3.56 14.99 16.80
N LEU A 1264 2.58 14.23 16.33
CA LEU A 1264 1.19 14.70 16.40
C LEU A 1264 0.74 14.87 17.85
N LEU A 1265 1.17 13.97 18.73
CA LEU A 1265 0.80 14.11 20.14
C LEU A 1265 1.55 15.25 20.81
N GLU A 1266 2.81 15.49 20.43
CA GLU A 1266 3.55 16.62 20.96
C GLU A 1266 2.93 17.93 20.53
N MET A 1267 2.31 17.97 19.35
CA MET A 1267 1.59 19.16 18.92
C MET A 1267 0.42 19.44 19.85
N GLY A 1268 -0.28 18.40 20.29
CA GLY A 1268 -1.42 18.55 21.17
C GLY A 1268 -2.69 18.00 20.56
N TYR A 1269 -2.53 17.04 19.65
CA TYR A 1269 -3.63 16.50 18.87
C TYR A 1269 -4.25 15.27 19.53
N GLN A 1270 -5.45 14.92 19.06
CA GLN A 1270 -6.02 13.61 19.28
C GLN A 1270 -5.75 12.80 18.02
N VAL A 1271 -5.06 11.68 18.16
CA VAL A 1271 -4.58 10.89 17.03
C VAL A 1271 -5.22 9.51 17.07
N ARG A 1272 -5.77 9.09 15.95
CA ARG A 1272 -6.25 7.73 15.78
C ARG A 1272 -5.77 7.22 14.42
N PHE A 1273 -5.61 5.90 14.32
CA PHE A 1273 -5.05 5.30 13.13
C PHE A 1273 -5.85 4.07 12.75
N GLY A 1274 -5.79 3.72 11.48
CA GLY A 1274 -6.47 2.53 11.00
C GLY A 1274 -6.02 2.17 9.61
N ILE A 1275 -6.43 0.99 9.17
CA ILE A 1275 -6.18 0.51 7.82
C ILE A 1275 -7.52 0.16 7.19
N LEU A 1276 -7.81 0.77 6.04
CA LEU A 1276 -9.08 0.57 5.35
C LEU A 1276 -8.81 0.02 3.97
N GLU A 1277 -9.63 -0.95 3.56
CA GLU A 1277 -9.57 -1.51 2.22
C GLU A 1277 -10.67 -0.86 1.38
N ALA A 1278 -10.27 -0.18 0.32
CA ALA A 1278 -11.24 0.52 -0.52
C ALA A 1278 -12.20 -0.45 -1.21
N GLY A 1279 -11.80 -1.70 -1.41
CA GLY A 1279 -12.63 -2.64 -2.14
C GLY A 1279 -13.94 -2.97 -1.46
N ALA A 1280 -14.02 -2.76 -0.15
CA ALA A 1280 -15.24 -3.06 0.60
C ALA A 1280 -16.21 -1.90 0.66
N TYR A 1281 -15.90 -0.78 0.00
CA TYR A 1281 -16.77 0.39 0.00
C TYR A 1281 -17.37 0.68 -1.36
N GLY A 1282 -17.13 -0.16 -2.35
CA GLY A 1282 -17.76 0.02 -3.65
C GLY A 1282 -16.86 -0.17 -4.84
N VAL A 1283 -15.57 0.15 -4.72
CA VAL A 1283 -14.67 0.00 -5.85
C VAL A 1283 -14.42 -1.47 -6.13
N SER A 1284 -13.97 -1.76 -7.35
CA SER A 1284 -13.64 -3.11 -7.77
C SER A 1284 -12.14 -3.37 -7.76
N GLN A 1285 -11.36 -2.48 -7.16
CA GLN A 1285 -9.91 -2.62 -7.09
C GLN A 1285 -9.51 -2.69 -5.62
N SER A 1286 -8.89 -3.80 -5.22
CA SER A 1286 -8.44 -3.94 -3.85
C SER A 1286 -7.28 -2.98 -3.58
N ARG A 1287 -7.42 -2.17 -2.54
CA ARG A 1287 -6.40 -1.17 -2.22
C ARG A 1287 -6.47 -0.91 -0.72
N LYS A 1288 -5.42 -1.30 -0.01
CA LYS A 1288 -5.33 -1.15 1.43
C LYS A 1288 -4.56 0.13 1.74
N ARG A 1289 -5.16 1.04 2.49
CA ARG A 1289 -4.56 2.33 2.78
C ARG A 1289 -4.58 2.58 4.28
N ALA A 1290 -3.49 3.12 4.80
CA ALA A 1290 -3.38 3.46 6.20
C ALA A 1290 -3.76 4.93 6.39
N PHE A 1291 -4.77 5.17 7.21
CA PHE A 1291 -5.29 6.51 7.47
C PHE A 1291 -5.01 6.89 8.92
N ILE A 1292 -4.59 8.14 9.11
CA ILE A 1292 -4.35 8.70 10.42
C ILE A 1292 -5.21 9.96 10.55
N TRP A 1293 -6.17 9.91 11.46
CA TRP A 1293 -7.00 11.06 11.79
C TRP A 1293 -6.39 11.80 12.96
N ALA A 1294 -6.36 13.14 12.87
CA ALA A 1294 -5.90 13.98 13.94
C ALA A 1294 -6.90 15.12 14.11
N ALA A 1295 -7.28 15.40 15.35
CA ALA A 1295 -8.28 16.42 15.63
C ALA A 1295 -7.83 17.28 16.79
N ALA A 1296 -8.36 18.50 16.84
CA ALA A 1296 -8.06 19.39 17.94
C ALA A 1296 -8.63 18.82 19.24
N PRO A 1297 -8.06 19.20 20.39
CA PRO A 1297 -8.53 18.63 21.66
C PRO A 1297 -10.01 18.89 21.93
N GLU A 1298 -10.57 19.98 21.44
CA GLU A 1298 -11.97 20.30 21.67
C GLU A 1298 -12.90 19.75 20.60
N GLU A 1299 -12.37 19.08 19.58
CA GLU A 1299 -13.18 18.53 18.50
C GLU A 1299 -13.44 17.04 18.77
N VAL A 1300 -14.14 16.41 17.83
CA VAL A 1300 -14.53 15.01 17.93
C VAL A 1300 -13.82 14.22 16.84
N LEU A 1301 -13.11 13.18 17.23
CA LEU A 1301 -12.41 12.34 16.26
C LEU A 1301 -13.43 11.55 15.45
N PRO A 1302 -13.37 11.61 14.12
CA PRO A 1302 -14.35 10.87 13.30
C PRO A 1302 -14.18 9.36 13.45
N GLU A 1303 -15.30 8.66 13.29
CA GLU A 1303 -15.28 7.21 13.34
C GLU A 1303 -14.86 6.63 11.98
N TRP A 1304 -14.69 5.33 11.95
CA TRP A 1304 -14.30 4.67 10.72
C TRP A 1304 -15.55 4.22 9.95
N PRO A 1305 -15.63 4.49 8.65
CA PRO A 1305 -16.84 4.12 7.90
C PRO A 1305 -17.05 2.61 7.90
N GLU A 1306 -18.31 2.21 8.02
CA GLU A 1306 -18.65 0.80 8.07
C GLU A 1306 -18.56 0.21 6.66
N PRO A 1307 -17.75 -0.83 6.45
CA PRO A 1307 -17.74 -1.49 5.14
C PRO A 1307 -19.10 -2.10 4.83
N MET A 1308 -19.49 -2.02 3.55
CA MET A 1308 -20.82 -2.43 3.15
C MET A 1308 -20.82 -3.43 2.00
N HIS A 1309 -19.66 -3.81 1.49
CA HIS A 1309 -19.57 -4.76 0.38
C HIS A 1309 -18.69 -5.94 0.77
N VAL A 1310 -19.01 -7.10 0.22
CA VAL A 1310 -18.25 -8.31 0.51
C VAL A 1310 -16.88 -8.22 -0.14
N PHE A 1311 -15.83 -8.51 0.62
CA PHE A 1311 -14.48 -8.56 0.09
C PHE A 1311 -13.69 -9.58 0.88
N GLY A 1312 -13.12 -10.55 0.18
CA GLY A 1312 -12.45 -11.66 0.82
C GLY A 1312 -11.05 -11.34 1.33
N VAL A 1313 -10.97 -10.51 2.37
CA VAL A 1313 -9.69 -10.15 2.97
C VAL A 1313 -9.85 -10.20 4.49
N PRO A 1314 -8.91 -10.81 5.22
CA PRO A 1314 -9.04 -10.90 6.68
C PRO A 1314 -8.93 -9.54 7.35
N LYS A 1315 -9.08 -9.51 8.67
CA LYS A 1315 -8.99 -8.27 9.40
C LYS A 1315 -7.62 -7.63 9.20
N LEU A 1316 -7.62 -6.33 8.90
CA LEU A 1316 -6.39 -5.58 8.69
C LEU A 1316 -5.93 -5.06 10.04
N LYS A 1317 -4.89 -5.67 10.60
CA LYS A 1317 -4.49 -5.46 11.99
C LYS A 1317 -3.23 -4.62 12.05
N ILE A 1318 -3.26 -3.59 12.88
CA ILE A 1318 -2.07 -2.81 13.24
C ILE A 1318 -1.61 -3.29 14.61
N SER A 1319 -0.35 -3.71 14.70
CA SER A 1319 0.19 -4.26 15.93
C SER A 1319 0.77 -3.13 16.79
N LEU A 1320 0.17 -2.92 17.96
CA LEU A 1320 0.64 -1.84 18.84
C LEU A 1320 1.85 -2.28 19.66
N SER A 1321 1.65 -3.25 20.56
CA SER A 1321 2.69 -3.74 21.46
C SER A 1321 2.10 -4.85 22.32
N GLN A 1322 2.98 -5.62 22.95
CA GLN A 1322 2.58 -6.67 23.88
C GLN A 1322 1.62 -7.67 23.23
N GLY A 1323 1.82 -7.91 21.94
CA GLY A 1323 0.96 -8.83 21.21
C GLY A 1323 -0.43 -8.33 20.95
N LEU A 1324 -0.72 -7.07 21.29
CA LEU A 1324 -2.04 -6.50 21.04
C LEU A 1324 -2.14 -6.03 19.60
N HIS A 1325 -3.36 -6.08 19.06
CA HIS A 1325 -3.62 -5.68 17.70
C HIS A 1325 -4.90 -4.87 17.64
N TYR A 1326 -5.01 -4.00 16.63
CA TYR A 1326 -6.19 -3.19 16.43
C TYR A 1326 -6.67 -3.35 14.99
N ALA A 1327 -7.96 -3.58 14.83
CA ALA A 1327 -8.60 -3.69 13.51
C ALA A 1327 -9.53 -2.49 13.34
N ALA A 1328 -9.31 -1.73 12.27
CA ALA A 1328 -10.10 -0.51 12.05
C ALA A 1328 -11.58 -0.85 11.83
N VAL A 1329 -11.85 -1.76 10.90
CA VAL A 1329 -13.22 -2.14 10.57
C VAL A 1329 -13.28 -3.66 10.45
N ARG A 1330 -14.49 -4.19 10.62
CA ARG A 1330 -14.70 -5.63 10.52
C ARG A 1330 -14.43 -6.12 9.10
N SER A 1331 -13.91 -7.33 9.00
CA SER A 1331 -13.59 -7.93 7.71
C SER A 1331 -14.86 -8.49 7.09
N THR A 1332 -15.33 -7.85 6.02
CA THR A 1332 -16.56 -8.28 5.34
C THR A 1332 -16.21 -9.37 4.31
N ALA A 1333 -15.74 -10.49 4.84
CA ALA A 1333 -15.40 -11.65 4.01
C ALA A 1333 -16.45 -12.74 4.05
N LEU A 1334 -16.99 -13.03 5.23
CA LEU A 1334 -18.04 -14.02 5.37
C LEU A 1334 -19.44 -13.44 5.24
N GLY A 1335 -19.57 -12.13 5.14
CA GLY A 1335 -20.88 -11.52 5.01
C GLY A 1335 -20.87 -10.00 5.04
N ALA A 1336 -21.72 -9.39 4.23
CA ALA A 1336 -21.84 -7.94 4.16
C ALA A 1336 -23.20 -7.61 3.58
N PRO A 1337 -23.71 -6.40 3.81
CA PRO A 1337 -25.05 -6.06 3.30
C PRO A 1337 -25.19 -6.17 1.78
N PHE A 1338 -24.15 -5.88 1.01
CA PHE A 1338 -24.26 -5.85 -0.44
C PHE A 1338 -23.20 -6.76 -1.07
N ARG A 1339 -23.54 -7.27 -2.25
CA ARG A 1339 -22.65 -8.16 -2.98
C ARG A 1339 -21.43 -7.39 -3.50
N PRO A 1340 -20.33 -8.09 -3.75
CA PRO A 1340 -19.13 -7.40 -4.25
C PRO A 1340 -19.33 -6.89 -5.67
N ILE A 1341 -18.59 -5.83 -6.00
CA ILE A 1341 -18.63 -5.24 -7.33
C ILE A 1341 -17.61 -5.96 -8.21
N THR A 1342 -18.08 -6.50 -9.33
CA THR A 1342 -17.24 -7.27 -10.23
C THR A 1342 -16.72 -6.39 -11.36
N VAL A 1343 -15.86 -6.98 -12.19
CA VAL A 1343 -15.30 -6.25 -13.33
C VAL A 1343 -16.38 -5.93 -14.36
N ARG A 1344 -17.32 -6.86 -14.55
CA ARG A 1344 -18.40 -6.62 -15.51
C ARG A 1344 -19.29 -5.48 -15.05
N ASP A 1345 -19.50 -5.35 -13.74
CA ASP A 1345 -20.27 -4.23 -13.22
C ASP A 1345 -19.57 -2.90 -13.45
N THR A 1346 -18.27 -2.91 -13.70
CA THR A 1346 -17.47 -1.70 -13.82
C THR A 1346 -17.22 -1.28 -15.26
N ILE A 1347 -16.82 -2.22 -16.12
CA ILE A 1347 -16.40 -1.87 -17.47
C ILE A 1347 -17.19 -2.67 -18.50
N GLY A 1348 -18.43 -3.04 -18.15
CA GLY A 1348 -19.22 -3.89 -19.03
C GLY A 1348 -19.95 -3.19 -20.16
N ASP A 1349 -19.95 -1.86 -20.19
CA ASP A 1349 -20.72 -1.12 -21.18
C ASP A 1349 -19.90 -0.15 -22.02
N LEU A 1350 -18.61 0.01 -21.73
CA LEU A 1350 -17.80 0.94 -22.50
C LEU A 1350 -17.57 0.40 -23.91
N PRO A 1351 -17.53 1.27 -24.92
CA PRO A 1351 -17.31 0.80 -26.29
C PRO A 1351 -15.92 0.19 -26.45
N SER A 1352 -15.83 -0.78 -27.35
CA SER A 1352 -14.57 -1.47 -27.58
C SER A 1352 -13.59 -0.57 -28.33
N VAL A 1353 -12.31 -0.71 -27.99
CA VAL A 1353 -11.24 0.05 -28.62
C VAL A 1353 -10.09 -0.90 -28.92
N GLU A 1354 -9.43 -0.66 -30.06
CA GLU A 1354 -8.32 -1.50 -30.49
C GLU A 1354 -7.08 -1.20 -29.65
N ASN A 1355 -6.03 -1.99 -29.86
CA ASN A 1355 -4.78 -1.83 -29.12
C ASN A 1355 -4.10 -0.54 -29.55
N GLY A 1356 -4.17 0.48 -28.70
CA GLY A 1356 -3.54 1.75 -28.99
C GLY A 1356 -4.50 2.74 -29.60
N ASP A 1357 -4.93 3.74 -28.82
CA ASP A 1357 -5.86 4.74 -29.30
C ASP A 1357 -5.43 6.11 -28.80
N SER A 1358 -5.82 7.14 -29.55
CA SER A 1358 -5.54 8.51 -29.18
C SER A 1358 -6.77 9.40 -29.17
N ARG A 1359 -7.93 8.88 -29.53
CA ARG A 1359 -9.17 9.66 -29.55
C ARG A 1359 -9.61 9.90 -28.11
N THR A 1360 -9.34 11.09 -27.59
CA THR A 1360 -9.70 11.43 -26.23
C THR A 1360 -11.19 11.71 -26.07
N ASN A 1361 -11.90 11.97 -27.15
CA ASN A 1361 -13.33 12.26 -27.12
C ASN A 1361 -14.08 11.19 -27.90
N LYS A 1362 -15.05 10.55 -27.24
CA LYS A 1362 -15.90 9.55 -27.88
C LYS A 1362 -17.33 9.72 -27.37
N GLU A 1363 -18.24 8.92 -27.91
CA GLU A 1363 -19.63 8.90 -27.48
C GLU A 1363 -20.01 7.51 -27.03
N TYR A 1364 -20.82 7.44 -25.98
CA TYR A 1364 -21.31 6.15 -25.49
C TYR A 1364 -22.19 5.50 -26.55
N LYS A 1365 -22.10 4.16 -26.63
CA LYS A 1365 -22.90 3.41 -27.58
C LYS A 1365 -23.87 2.44 -26.91
N GLU A 1366 -23.74 2.20 -25.61
CA GLU A 1366 -24.63 1.29 -24.88
C GLU A 1366 -25.15 2.00 -23.64
N VAL A 1367 -26.45 1.83 -23.38
CA VAL A 1367 -27.05 2.40 -22.19
C VAL A 1367 -26.54 1.65 -20.96
N ALA A 1368 -26.38 2.37 -19.86
CA ALA A 1368 -25.91 1.76 -18.62
C ALA A 1368 -26.87 0.66 -18.18
N VAL A 1369 -26.30 -0.47 -17.75
CA VAL A 1369 -27.06 -1.67 -17.43
C VAL A 1369 -27.06 -1.95 -15.93
N SER A 1370 -25.88 -2.16 -15.34
CA SER A 1370 -25.79 -2.53 -13.94
C SER A 1370 -25.95 -1.29 -13.05
N TRP A 1371 -25.90 -1.52 -11.73
CA TRP A 1371 -26.03 -0.42 -10.79
C TRP A 1371 -24.82 0.50 -10.82
N PHE A 1372 -23.61 -0.09 -10.88
CA PHE A 1372 -22.40 0.72 -10.86
C PHE A 1372 -22.29 1.61 -12.09
N GLN A 1373 -22.63 1.07 -13.27
CA GLN A 1373 -22.56 1.88 -14.47
C GLN A 1373 -23.57 3.01 -14.44
N LYS A 1374 -24.80 2.73 -14.00
CA LYS A 1374 -25.81 3.77 -13.89
C LYS A 1374 -25.38 4.85 -12.92
N GLU A 1375 -24.76 4.45 -11.80
CA GLU A 1375 -24.36 5.43 -10.79
C GLU A 1375 -23.17 6.26 -11.25
N ILE A 1376 -22.18 5.63 -11.87
CA ILE A 1376 -20.94 6.33 -12.21
C ILE A 1376 -21.01 7.10 -13.51
N ARG A 1377 -21.89 6.72 -14.44
CA ARG A 1377 -22.02 7.47 -15.67
C ARG A 1377 -22.70 8.82 -15.42
N GLY A 1378 -23.69 8.85 -14.53
CA GLY A 1378 -24.40 10.09 -14.26
C GLY A 1378 -25.11 10.60 -15.50
N ASN A 1379 -24.98 11.90 -15.74
CA ASN A 1379 -25.56 12.54 -16.91
C ASN A 1379 -24.54 12.84 -17.99
N THR A 1380 -23.33 12.30 -17.87
CA THR A 1380 -22.29 12.56 -18.86
C THR A 1380 -22.67 11.95 -20.21
N ILE A 1381 -22.45 12.72 -21.27
CA ILE A 1381 -22.76 12.27 -22.62
C ILE A 1381 -21.53 12.19 -23.52
N ALA A 1382 -20.36 12.60 -23.05
CA ALA A 1382 -19.13 12.55 -23.83
C ALA A 1382 -18.09 11.76 -23.05
N LEU A 1383 -17.64 10.66 -23.63
CA LEU A 1383 -16.65 9.80 -22.97
C LEU A 1383 -15.26 10.35 -23.20
N THR A 1384 -14.49 10.48 -22.13
CA THR A 1384 -13.16 11.07 -22.19
C THR A 1384 -12.13 10.10 -21.62
N ASP A 1385 -10.89 10.24 -22.11
CA ASP A 1385 -9.75 9.47 -21.61
C ASP A 1385 -9.97 7.96 -21.78
N HIS A 1386 -10.64 7.57 -22.86
CA HIS A 1386 -10.80 6.16 -23.20
C HIS A 1386 -9.72 5.72 -24.18
N ILE A 1387 -8.47 5.84 -23.74
CA ILE A 1387 -7.32 5.48 -24.55
C ILE A 1387 -6.48 4.47 -23.78
N CYS A 1388 -5.76 3.64 -24.52
CA CYS A 1388 -4.95 2.58 -23.95
C CYS A 1388 -3.51 2.70 -24.45
N LYS A 1389 -2.57 2.26 -23.61
CA LYS A 1389 -1.17 2.30 -24.00
C LYS A 1389 -0.92 1.36 -25.17
N ALA A 1390 -0.10 1.83 -26.12
CA ALA A 1390 0.17 1.07 -27.34
C ALA A 1390 1.32 0.11 -27.12
N MET A 1391 1.06 -1.16 -27.38
CA MET A 1391 2.08 -2.21 -27.29
C MET A 1391 2.60 -2.54 -28.68
N ASN A 1392 3.86 -2.99 -28.74
CA ASN A 1392 4.47 -3.33 -30.02
C ASN A 1392 3.82 -4.59 -30.60
N GLU A 1393 4.25 -4.94 -31.81
CA GLU A 1393 3.62 -6.06 -32.51
C GLU A 1393 3.81 -7.37 -31.77
N LEU A 1394 4.98 -7.59 -31.18
CA LEU A 1394 5.23 -8.81 -30.43
C LEU A 1394 4.30 -8.92 -29.23
N ASN A 1395 4.16 -7.84 -28.46
CA ASN A 1395 3.27 -7.87 -27.31
C ASN A 1395 1.82 -8.00 -27.74
N LEU A 1396 1.45 -7.40 -28.88
CA LEU A 1396 0.10 -7.57 -29.40
C LEU A 1396 -0.17 -9.03 -29.75
N ILE A 1397 0.80 -9.69 -30.38
CA ILE A 1397 0.64 -11.10 -30.70
C ILE A 1397 0.51 -11.92 -29.42
N ARG A 1398 1.33 -11.63 -28.42
CA ARG A 1398 1.25 -12.35 -27.16
C ARG A 1398 -0.11 -12.16 -26.50
N CYS A 1399 -0.62 -10.93 -26.50
CA CYS A 1399 -1.93 -10.66 -25.90
C CYS A 1399 -3.03 -11.38 -26.66
N LYS A 1400 -2.96 -11.41 -27.99
CA LYS A 1400 -3.97 -12.10 -28.78
C LYS A 1400 -3.92 -13.61 -28.56
N LEU A 1401 -2.73 -14.15 -28.29
CA LEU A 1401 -2.61 -15.58 -28.06
C LEU A 1401 -3.06 -16.01 -26.67
N ILE A 1402 -3.22 -15.07 -25.75
CA ILE A 1402 -3.72 -15.42 -24.41
C ILE A 1402 -5.19 -15.78 -24.51
N PRO A 1403 -5.61 -16.94 -24.02
CA PRO A 1403 -7.03 -17.31 -24.08
C PRO A 1403 -7.87 -16.44 -23.17
N THR A 1404 -9.14 -16.28 -23.54
CA THR A 1404 -10.08 -15.46 -22.78
C THR A 1404 -10.78 -16.28 -21.70
N ARG A 1405 -9.98 -16.93 -20.85
CA ARG A 1405 -10.46 -17.75 -19.76
C ARG A 1405 -9.99 -17.17 -18.43
N PRO A 1406 -10.82 -17.28 -17.38
CA PRO A 1406 -10.40 -16.76 -16.07
C PRO A 1406 -9.10 -17.39 -15.59
N GLY A 1407 -8.22 -16.56 -15.04
CA GLY A 1407 -6.96 -17.02 -14.52
C GLY A 1407 -5.86 -17.23 -15.54
N ALA A 1408 -6.13 -16.97 -16.81
CA ALA A 1408 -5.10 -17.14 -17.84
C ALA A 1408 -3.97 -16.14 -17.63
N ASP A 1409 -2.74 -16.59 -17.86
CA ASP A 1409 -1.57 -15.74 -17.70
C ASP A 1409 -0.51 -16.21 -18.70
N TRP A 1410 0.74 -15.80 -18.48
CA TRP A 1410 1.81 -16.08 -19.43
C TRP A 1410 2.09 -17.58 -19.56
N HIS A 1411 1.61 -18.39 -18.64
CA HIS A 1411 1.83 -19.84 -18.70
C HIS A 1411 1.12 -20.50 -19.88
N ASP A 1412 0.23 -19.79 -20.57
CA ASP A 1412 -0.57 -20.39 -21.63
C ASP A 1412 -0.09 -20.08 -23.04
N LEU A 1413 0.97 -19.29 -23.18
CA LEU A 1413 1.47 -19.00 -24.53
C LEU A 1413 2.19 -20.22 -25.09
N PRO A 1414 1.93 -20.58 -26.34
CA PRO A 1414 2.64 -21.71 -26.95
C PRO A 1414 4.11 -21.40 -27.19
N LYS A 1415 4.91 -22.47 -27.22
CA LYS A 1415 6.34 -22.36 -27.46
C LYS A 1415 6.58 -22.45 -28.96
N ARG A 1416 6.88 -21.30 -29.58
CA ARG A 1416 7.07 -21.25 -31.02
C ARG A 1416 7.82 -19.98 -31.38
N LYS A 1417 8.79 -20.11 -32.29
CA LYS A 1417 9.54 -18.95 -32.78
C LYS A 1417 8.65 -18.14 -33.70
N VAL A 1418 8.21 -16.97 -33.24
CA VAL A 1418 7.34 -16.12 -34.03
C VAL A 1418 8.19 -15.19 -34.87
N THR A 1419 7.60 -14.67 -35.96
CA THR A 1419 8.30 -13.77 -36.86
C THR A 1419 7.33 -12.70 -37.35
N LEU A 1420 7.37 -11.54 -36.69
CA LEU A 1420 6.57 -10.41 -37.12
C LEU A 1420 7.11 -9.87 -38.44
N SER A 1421 6.30 -9.03 -39.10
CA SER A 1421 6.64 -8.51 -40.42
C SER A 1421 7.70 -7.40 -40.31
N ASP A 1422 8.83 -7.77 -39.71
CA ASP A 1422 9.97 -6.87 -39.58
C ASP A 1422 11.31 -7.56 -39.85
N GLY A 1423 11.36 -8.88 -39.95
CA GLY A 1423 12.61 -9.58 -40.04
C GLY A 1423 13.26 -9.93 -38.72
N ARG A 1424 12.49 -9.96 -37.64
CA ARG A 1424 13.00 -10.15 -36.29
C ARG A 1424 12.35 -11.39 -35.68
N VAL A 1425 13.02 -12.53 -35.77
CA VAL A 1425 12.49 -13.76 -35.20
C VAL A 1425 12.67 -13.72 -33.69
N GLU A 1426 11.57 -13.98 -32.96
CA GLU A 1426 11.56 -13.81 -31.51
C GLU A 1426 10.92 -15.01 -30.83
N GLU A 1427 11.32 -15.24 -29.59
CA GLU A 1427 10.69 -16.26 -28.76
C GLU A 1427 9.30 -15.80 -28.32
N MET A 1428 8.32 -16.67 -28.47
CA MET A 1428 6.96 -16.30 -28.06
C MET A 1428 6.83 -16.25 -26.55
N ILE A 1429 7.39 -17.22 -25.84
CA ILE A 1429 7.30 -17.25 -24.39
C ILE A 1429 8.17 -16.15 -23.82
N PRO A 1430 7.62 -15.23 -23.04
CA PRO A 1430 8.39 -14.06 -22.60
C PRO A 1430 9.51 -14.37 -21.62
N PHE A 1431 9.20 -15.09 -20.54
CA PHE A 1431 10.17 -15.36 -19.48
C PHE A 1431 10.66 -16.79 -19.56
N CYS A 1432 11.88 -17.00 -19.08
CA CYS A 1432 12.47 -18.33 -18.94
C CYS A 1432 13.01 -18.42 -17.51
N LEU A 1433 12.14 -18.77 -16.57
CA LEU A 1433 12.54 -18.89 -15.18
C LEU A 1433 13.30 -20.20 -14.94
N PRO A 1434 14.18 -20.22 -13.95
CA PRO A 1434 14.89 -21.47 -13.63
C PRO A 1434 13.92 -22.54 -13.13
N ASN A 1435 14.26 -23.79 -13.42
CA ASN A 1435 13.43 -24.91 -12.98
C ASN A 1435 13.40 -25.00 -11.46
N THR A 1436 14.52 -24.72 -10.80
CA THR A 1436 14.59 -24.71 -9.35
C THR A 1436 14.03 -23.39 -8.83
N ALA A 1437 14.25 -23.11 -7.55
CA ALA A 1437 13.77 -21.90 -6.89
C ALA A 1437 12.24 -21.82 -6.96
N GLU A 1438 11.63 -22.78 -6.27
CA GLU A 1438 10.17 -22.90 -6.28
C GLU A 1438 9.49 -21.65 -5.72
N ARG A 1439 10.04 -21.09 -4.65
CA ARG A 1439 9.52 -19.83 -4.12
C ARG A 1439 9.66 -18.71 -5.15
N HIS A 1440 10.80 -18.67 -5.85
CA HIS A 1440 11.03 -17.69 -6.91
C HIS A 1440 10.43 -18.13 -8.23
N ASN A 1441 9.50 -19.07 -8.22
CA ASN A 1441 8.80 -19.54 -9.40
C ASN A 1441 7.30 -19.36 -9.21
N GLY A 1442 6.51 -19.94 -10.12
CA GLY A 1442 5.08 -19.75 -10.08
C GLY A 1442 4.68 -18.32 -10.34
N TRP A 1443 5.27 -17.71 -11.36
CA TRP A 1443 5.05 -16.30 -11.68
C TRP A 1443 3.68 -16.12 -12.36
N LYS A 1444 2.64 -16.48 -11.62
CA LYS A 1444 1.27 -16.33 -12.10
C LYS A 1444 0.84 -14.87 -12.01
N GLY A 1445 0.07 -14.43 -13.01
CA GLY A 1445 -0.45 -13.08 -13.09
C GLY A 1445 0.18 -12.25 -14.19
N LEU A 1446 1.45 -12.50 -14.51
CA LEU A 1446 2.10 -11.77 -15.58
C LEU A 1446 1.49 -12.16 -16.92
N TYR A 1447 1.28 -11.16 -17.78
CA TYR A 1447 0.58 -11.35 -19.06
C TYR A 1447 -0.81 -11.91 -18.85
N GLY A 1448 -1.41 -11.62 -17.70
CA GLY A 1448 -2.66 -12.24 -17.28
C GLY A 1448 -3.86 -11.38 -17.62
N ARG A 1449 -4.94 -12.05 -18.05
CA ARG A 1449 -6.21 -11.38 -18.30
C ARG A 1449 -6.96 -11.17 -17.00
N LEU A 1450 -8.12 -10.53 -17.10
CA LEU A 1450 -8.97 -10.26 -15.94
C LEU A 1450 -10.23 -11.09 -16.04
N ASP A 1451 -10.62 -11.71 -14.92
CA ASP A 1451 -11.87 -12.43 -14.87
C ASP A 1451 -13.04 -11.46 -14.93
N TRP A 1452 -14.08 -11.86 -15.67
CA TRP A 1452 -15.26 -11.00 -15.80
C TRP A 1452 -15.93 -10.79 -14.44
N GLN A 1453 -16.02 -11.86 -13.64
CA GLN A 1453 -16.65 -11.79 -12.33
C GLN A 1453 -15.66 -11.53 -11.20
N GLY A 1454 -14.39 -11.34 -11.52
CA GLY A 1454 -13.38 -11.06 -10.51
C GLY A 1454 -13.35 -9.59 -10.15
N ASN A 1455 -12.19 -9.14 -9.70
CA ASN A 1455 -11.99 -7.75 -9.32
C ASN A 1455 -10.65 -7.26 -9.86
N PHE A 1456 -10.53 -5.95 -9.96
CA PHE A 1456 -9.30 -5.35 -10.49
C PHE A 1456 -8.16 -5.58 -9.51
N PRO A 1457 -7.04 -6.13 -9.96
CA PRO A 1457 -5.89 -6.34 -9.07
C PRO A 1457 -5.19 -5.03 -8.74
N THR A 1458 -4.38 -5.08 -7.69
CA THR A 1458 -3.63 -3.90 -7.26
C THR A 1458 -2.56 -3.52 -8.28
N SER A 1459 -2.16 -4.43 -9.15
CA SER A 1459 -1.02 -4.24 -10.05
C SER A 1459 -1.40 -3.52 -11.33
N VAL A 1460 -2.48 -2.73 -11.34
CA VAL A 1460 -2.88 -1.98 -12.53
C VAL A 1460 -2.78 -0.48 -12.29
N THR A 1461 -2.00 -0.06 -11.29
CA THR A 1461 -1.83 1.37 -11.06
C THR A 1461 -1.10 2.04 -12.23
N ASP A 1462 0.01 1.44 -12.67
CA ASP A 1462 0.79 1.94 -13.80
C ASP A 1462 1.13 0.77 -14.72
N PRO A 1463 0.21 0.41 -15.61
CA PRO A 1463 0.52 -0.68 -16.56
C PRO A 1463 1.73 -0.35 -17.41
N GLN A 1464 2.57 -1.36 -17.62
CA GLN A 1464 3.82 -1.20 -18.37
C GLN A 1464 3.89 -2.25 -19.46
N PRO A 1465 3.58 -1.90 -20.71
CA PRO A 1465 3.57 -2.90 -21.79
C PRO A 1465 4.94 -3.12 -22.41
N MET A 1466 5.99 -3.23 -21.58
CA MET A 1466 7.32 -3.53 -22.09
C MET A 1466 7.89 -4.81 -21.52
N GLY A 1467 7.93 -4.95 -20.19
CA GLY A 1467 8.51 -6.12 -19.57
C GLY A 1467 7.51 -6.94 -18.78
N LYS A 1468 7.58 -6.85 -17.46
CA LYS A 1468 6.63 -7.55 -16.61
C LYS A 1468 5.28 -6.82 -16.65
N VAL A 1469 4.44 -7.18 -17.62
CA VAL A 1469 3.18 -6.47 -17.83
C VAL A 1469 2.25 -6.64 -16.63
N GLY A 1470 2.14 -7.86 -16.12
CA GLY A 1470 1.23 -8.14 -15.03
C GLY A 1470 -0.19 -8.37 -15.51
N MET A 1471 -1.08 -8.54 -14.54
CA MET A 1471 -2.50 -8.80 -14.83
C MET A 1471 -3.16 -7.48 -15.20
N CYS A 1472 -3.08 -7.14 -16.49
CA CYS A 1472 -3.61 -5.87 -16.97
C CYS A 1472 -4.43 -5.97 -18.25
N PHE A 1473 -4.47 -7.12 -18.92
CA PHE A 1473 -5.19 -7.23 -20.17
C PHE A 1473 -6.71 -7.20 -19.94
N HIS A 1474 -7.44 -6.92 -21.02
CA HIS A 1474 -8.88 -6.85 -20.94
C HIS A 1474 -9.48 -8.26 -20.86
N PRO A 1475 -10.60 -8.41 -20.16
CA PRO A 1475 -11.23 -9.74 -20.07
C PRO A 1475 -11.62 -10.34 -21.40
N GLU A 1476 -12.02 -9.54 -22.38
CA GLU A 1476 -12.49 -10.05 -23.66
C GLU A 1476 -11.74 -9.49 -24.86
N GLN A 1477 -11.32 -8.23 -24.82
CA GLN A 1477 -10.60 -7.63 -25.93
C GLN A 1477 -9.09 -7.79 -25.76
N HIS A 1478 -8.37 -7.61 -26.86
CA HIS A 1478 -6.92 -7.76 -26.87
C HIS A 1478 -6.29 -6.38 -26.70
N ARG A 1479 -6.32 -5.88 -25.47
CA ARG A 1479 -5.78 -4.56 -25.16
C ARG A 1479 -5.54 -4.46 -23.67
N ILE A 1480 -4.79 -3.44 -23.28
CA ILE A 1480 -4.61 -3.10 -21.87
C ILE A 1480 -5.78 -2.24 -21.42
N LEU A 1481 -6.06 -2.26 -20.12
CA LEU A 1481 -7.13 -1.45 -19.57
C LEU A 1481 -6.92 0.02 -19.91
N THR A 1482 -7.98 0.67 -20.40
CA THR A 1482 -7.89 2.07 -20.77
C THR A 1482 -7.82 2.94 -19.53
N VAL A 1483 -7.51 4.22 -19.74
CA VAL A 1483 -7.47 5.17 -18.62
C VAL A 1483 -8.85 5.30 -17.98
N ARG A 1484 -9.90 5.35 -18.82
CA ARG A 1484 -11.25 5.48 -18.28
C ARG A 1484 -11.65 4.24 -17.49
N GLU A 1485 -11.27 3.05 -17.96
CA GLU A 1485 -11.58 1.83 -17.23
C GLU A 1485 -10.88 1.81 -15.88
N CYS A 1486 -9.60 2.21 -15.85
CA CYS A 1486 -8.88 2.26 -14.59
C CYS A 1486 -9.50 3.28 -13.64
N ALA A 1487 -9.94 4.42 -14.18
CA ALA A 1487 -10.61 5.41 -13.34
C ALA A 1487 -11.91 4.86 -12.77
N ARG A 1488 -12.68 4.13 -13.59
CA ARG A 1488 -13.90 3.52 -13.10
C ARG A 1488 -13.62 2.45 -12.05
N SER A 1489 -12.48 1.77 -12.16
CA SER A 1489 -12.12 0.77 -11.16
C SER A 1489 -11.94 1.40 -9.79
N GLN A 1490 -11.41 2.62 -9.74
CA GLN A 1490 -11.21 3.34 -8.49
C GLN A 1490 -12.40 4.17 -8.08
N GLY A 1491 -13.50 4.12 -8.83
CA GLY A 1491 -14.68 4.88 -8.50
C GLY A 1491 -14.70 6.31 -9.01
N PHE A 1492 -13.75 6.69 -9.84
CA PHE A 1492 -13.75 8.04 -10.39
C PHE A 1492 -14.95 8.23 -11.32
N PRO A 1493 -15.76 9.27 -11.12
CA PRO A 1493 -16.92 9.47 -11.99
C PRO A 1493 -16.50 9.77 -13.42
N ASP A 1494 -17.40 9.45 -14.36
CA ASP A 1494 -17.11 9.63 -15.77
C ASP A 1494 -16.89 11.09 -16.13
N SER A 1495 -17.38 12.03 -15.31
CA SER A 1495 -17.18 13.45 -15.57
C SER A 1495 -15.80 13.94 -15.14
N TYR A 1496 -15.03 13.11 -14.45
CA TYR A 1496 -13.68 13.51 -14.04
C TYR A 1496 -12.75 13.54 -15.24
N GLU A 1497 -11.84 14.52 -15.25
CA GLU A 1497 -10.90 14.72 -16.33
C GLU A 1497 -9.47 14.62 -15.83
N PHE A 1498 -8.61 13.99 -16.62
CA PHE A 1498 -7.20 13.86 -16.32
C PHE A 1498 -6.38 14.60 -17.38
N ALA A 1499 -5.15 14.94 -17.01
CA ALA A 1499 -4.28 15.73 -17.87
C ALA A 1499 -2.90 15.09 -17.96
N GLY A 1500 -2.21 15.37 -19.06
CA GLY A 1500 -0.89 14.83 -19.29
C GLY A 1500 -0.89 13.67 -20.27
N ASN A 1501 0.27 13.03 -20.38
CA ASN A 1501 0.40 11.86 -21.22
C ASN A 1501 -0.34 10.68 -20.59
N ILE A 1502 -0.47 9.60 -21.37
CA ILE A 1502 -1.16 8.41 -20.89
C ILE A 1502 -0.48 7.86 -19.65
N ASN A 1503 0.86 7.86 -19.65
CA ASN A 1503 1.59 7.46 -18.46
C ASN A 1503 1.25 8.35 -17.27
N HIS A 1504 1.17 9.67 -17.51
CA HIS A 1504 0.84 10.59 -16.44
C HIS A 1504 -0.58 10.37 -15.91
N LYS A 1505 -1.53 10.12 -16.82
CA LYS A 1505 -2.90 9.86 -16.38
C LYS A 1505 -2.98 8.58 -15.56
N HIS A 1506 -2.28 7.52 -16.00
CA HIS A 1506 -2.28 6.28 -15.24
C HIS A 1506 -1.63 6.47 -13.87
N ARG A 1507 -0.55 7.24 -13.81
CA ARG A 1507 0.10 7.51 -12.54
C ARG A 1507 -0.81 8.29 -11.60
N GLN A 1508 -1.55 9.27 -12.14
CA GLN A 1508 -2.51 10.01 -11.33
C GLN A 1508 -3.60 9.09 -10.79
N ILE A 1509 -4.12 8.21 -11.65
CA ILE A 1509 -5.20 7.32 -11.22
C ILE A 1509 -4.71 6.36 -10.14
N GLY A 1510 -3.52 5.79 -10.33
CA GLY A 1510 -3.02 4.80 -9.38
C GLY A 1510 -2.60 5.38 -8.04
N ASN A 1511 -2.25 6.67 -8.00
CA ASN A 1511 -1.71 7.29 -6.79
C ASN A 1511 -2.77 8.02 -5.96
N ALA A 1512 -4.04 7.98 -6.37
CA ALA A 1512 -5.08 8.76 -5.73
C ALA A 1512 -5.96 7.87 -4.86
N VAL A 1513 -6.38 8.41 -3.71
CA VAL A 1513 -7.36 7.72 -2.88
C VAL A 1513 -8.67 7.60 -3.65
N PRO A 1514 -9.33 6.45 -3.66
CA PRO A 1514 -10.59 6.31 -4.40
C PRO A 1514 -11.61 7.31 -3.90
N PRO A 1515 -12.33 7.97 -4.80
CA PRO A 1515 -13.39 8.90 -4.40
C PRO A 1515 -14.48 8.22 -3.56
N PRO A 1516 -14.78 6.93 -3.77
CA PRO A 1516 -15.73 6.28 -2.85
C PRO A 1516 -15.25 6.24 -1.40
N LEU A 1517 -14.04 5.75 -1.17
CA LEU A 1517 -13.50 5.70 0.19
C LEU A 1517 -13.35 7.10 0.77
N ALA A 1518 -12.90 8.05 -0.07
CA ALA A 1518 -12.78 9.43 0.38
C ALA A 1518 -14.13 10.00 0.78
N PHE A 1519 -15.19 9.69 0.02
CA PHE A 1519 -16.52 10.18 0.35
C PHE A 1519 -17.04 9.53 1.62
N ALA A 1520 -16.74 8.25 1.83
CA ALA A 1520 -17.14 7.60 3.07
C ALA A 1520 -16.47 8.26 4.27
N LEU A 1521 -15.16 8.52 4.16
CA LEU A 1521 -14.47 9.25 5.22
C LEU A 1521 -15.05 10.64 5.41
N GLY A 1522 -15.43 11.29 4.30
CA GLY A 1522 -16.00 12.62 4.39
C GLY A 1522 -17.34 12.65 5.11
N ARG A 1523 -18.20 11.68 4.82
CA ARG A 1523 -19.49 11.66 5.51
C ARG A 1523 -19.33 11.26 6.97
N LYS A 1524 -18.36 10.39 7.29
CA LYS A 1524 -18.08 10.12 8.70
C LYS A 1524 -17.58 11.37 9.41
N LEU A 1525 -16.72 12.14 8.75
CA LEU A 1525 -16.23 13.39 9.34
C LEU A 1525 -17.36 14.41 9.48
N LYS A 1526 -18.30 14.43 8.53
CA LYS A 1526 -19.45 15.31 8.63
C LYS A 1526 -20.33 14.94 9.81
N GLU A 1527 -20.54 13.64 10.02
CA GLU A 1527 -21.27 13.19 11.20
C GLU A 1527 -20.55 13.60 12.47
N ALA A 1528 -19.22 13.47 12.49
CA ALA A 1528 -18.45 13.89 13.66
C ALA A 1528 -18.49 15.39 13.87
N LEU A 1529 -18.69 16.16 12.80
CA LEU A 1529 -18.64 17.62 12.89
C LEU A 1529 -19.92 18.21 13.46
N HIS A 1530 -21.02 17.47 13.47
CA HIS A 1530 -22.29 17.98 13.96
C HIS A 1530 -22.46 17.77 15.46
N LEU A 1531 -21.51 17.13 16.13
CA LEU A 1531 -21.59 16.95 17.57
C LEU A 1531 -20.83 18.06 18.31
N LYS A 1532 -19.53 18.18 18.05
CA LYS A 1532 -18.66 19.16 18.70
C LYS A 1532 -18.81 19.16 20.22
#